data_8Y7F
#
_entry.id   8Y7F
#
_cell.length_a   210.580
_cell.length_b   210.580
_cell.length_c   210.580
_cell.angle_alpha   90.00
_cell.angle_beta   90.00
_cell.angle_gamma   90.00
#
_symmetry.space_group_name_H-M   'P 43 3 2'
#
_entity_poly.entity_id   1
_entity_poly.type   'polypeptide(L)'
_entity_poly.pdbx_seq_one_letter_code
;ITQTLELSDLTIALEEFERYGITERMIIVLKNIQKIVAKNKLCNLNELKFSSLSRELKLFEELLKIPSPPEKIANSIYKI
NDILESSIREFKLCSKNSENLFFIKPIQKFLVDFQKIVLEKLPLDKKINKYSNIATLEKVEFMKNIIKLLINWKMYSEAV
IHLRELLIDIKLIENGKYFYYNNKDFREKYWMYSYNIVDTKDKELPKKIEELLKNVKGWRNSVAHGGRANTSINQKTLEE
NLENALSMIDEILLSMKDLKVNSKKIYLLNSTIMPIPKDNQEGKFYILKLTKNEFKVILENAIKDDVLDSAIGHESVIEF
IKDKFELTVPLKRKEIYFEKGESALVIKLEKRPEEGKIYTKEEMDFMEENNLIGYYYIYREG
;
_entity_poly.pdbx_strand_id   A,B
#
# COMPACT_ATOMS: atom_id res chain seq x y z
N THR A 4 -11.41 -40.03 1.69
CA THR A 4 -11.57 -39.35 2.97
C THR A 4 -10.50 -38.26 3.16
N LEU A 5 -10.74 -37.39 4.14
CA LEU A 5 -9.83 -36.30 4.46
C LEU A 5 -8.43 -36.82 4.78
N GLU A 6 -7.41 -36.18 4.19
CA GLU A 6 -6.03 -36.49 4.54
C GLU A 6 -5.58 -35.56 5.66
N LEU A 7 -5.00 -36.13 6.73
CA LEU A 7 -4.57 -35.31 7.86
C LEU A 7 -3.46 -34.32 7.48
N SER A 8 -2.53 -34.75 6.64
CA SER A 8 -1.56 -33.84 6.03
C SER A 8 -2.23 -32.58 5.50
N ASP A 9 -3.24 -32.76 4.64
CA ASP A 9 -3.91 -31.63 4.01
C ASP A 9 -4.54 -30.70 5.04
N LEU A 10 -5.22 -31.25 6.04
CA LEU A 10 -5.85 -30.41 7.05
C LEU A 10 -4.82 -29.62 7.85
N THR A 11 -3.73 -30.30 8.26
CA THR A 11 -2.70 -29.61 9.03
C THR A 11 -2.05 -28.47 8.23
N ILE A 12 -1.75 -28.71 6.97
CA ILE A 12 -1.06 -27.67 6.21
C ILE A 12 -1.99 -26.50 5.92
N ALA A 13 -3.29 -26.77 5.64
CA ALA A 13 -4.21 -25.66 5.46
C ALA A 13 -4.31 -24.81 6.72
N LEU A 14 -4.40 -25.46 7.89
CA LEU A 14 -4.45 -24.69 9.13
C LEU A 14 -3.18 -23.88 9.34
N GLU A 15 -2.02 -24.48 9.09
CA GLU A 15 -0.77 -23.77 9.32
C GLU A 15 -0.64 -22.57 8.40
N GLU A 16 -0.96 -22.74 7.11
CA GLU A 16 -0.83 -21.64 6.17
C GLU A 16 -1.78 -20.49 6.53
N PHE A 17 -3.01 -20.80 6.96
CA PHE A 17 -3.87 -19.70 7.38
C PHE A 17 -3.32 -19.01 8.63
N GLU A 18 -2.96 -19.79 9.67
CA GLU A 18 -2.54 -19.17 10.92
C GLU A 18 -1.26 -18.36 10.75
N ARG A 19 -0.35 -18.85 9.91
CA ARG A 19 0.96 -18.25 9.76
C ARG A 19 0.96 -17.08 8.77
N TYR A 20 0.20 -17.19 7.67
CA TYR A 20 0.27 -16.18 6.63
C TYR A 20 -1.10 -15.63 6.22
N GLY A 21 -2.18 -16.00 6.91
CA GLY A 21 -3.48 -15.53 6.50
C GLY A 21 -3.96 -16.03 5.15
N ILE A 22 -3.31 -17.04 4.57
CA ILE A 22 -3.70 -17.54 3.26
C ILE A 22 -4.88 -18.48 3.44
N THR A 23 -5.88 -18.38 2.57
CA THR A 23 -7.11 -19.14 2.74
C THR A 23 -7.34 -20.22 1.69
N GLU A 24 -6.46 -20.34 0.69
CA GLU A 24 -6.75 -21.23 -0.43
C GLU A 24 -6.98 -22.67 0.02
N ARG A 25 -6.05 -23.21 0.80
CA ARG A 25 -6.14 -24.60 1.22
C ARG A 25 -7.31 -24.82 2.17
N MET A 26 -7.59 -23.83 3.03
CA MET A 26 -8.79 -23.92 3.85
C MET A 26 -10.00 -24.12 2.99
N ILE A 27 -10.11 -23.34 1.90
CA ILE A 27 -11.27 -23.44 1.03
C ILE A 27 -11.35 -24.82 0.41
N ILE A 28 -10.20 -25.38 0.01
CA ILE A 28 -10.19 -26.73 -0.58
C ILE A 28 -10.68 -27.78 0.42
N VAL A 29 -10.15 -27.73 1.64
CA VAL A 29 -10.58 -28.67 2.67
C VAL A 29 -12.08 -28.52 2.95
N LEU A 30 -12.57 -27.27 3.03
CA LEU A 30 -13.96 -27.04 3.40
C LEU A 30 -14.89 -27.54 2.32
N LYS A 31 -14.56 -27.30 1.04
CA LYS A 31 -15.39 -27.83 -0.04
C LYS A 31 -15.38 -29.35 -0.02
N ASN A 32 -14.25 -29.96 0.37
CA ASN A 32 -14.22 -31.40 0.52
C ASN A 32 -15.17 -31.88 1.62
N ILE A 33 -15.11 -31.23 2.78
CA ILE A 33 -16.03 -31.56 3.88
C ILE A 33 -17.47 -31.38 3.41
N GLN A 34 -17.73 -30.32 2.65
CA GLN A 34 -19.07 -30.09 2.14
C GLN A 34 -19.52 -31.26 1.26
N LYS A 35 -18.63 -31.76 0.39
CA LYS A 35 -18.97 -32.94 -0.42
C LYS A 35 -19.23 -34.16 0.47
N ILE A 36 -18.44 -34.33 1.53
CA ILE A 36 -18.62 -35.48 2.40
C ILE A 36 -19.98 -35.41 3.10
N VAL A 37 -20.34 -34.22 3.61
CA VAL A 37 -21.60 -34.06 4.32
C VAL A 37 -22.77 -34.19 3.36
N ALA A 38 -22.61 -33.75 2.10
CA ALA A 38 -23.66 -33.93 1.12
C ALA A 38 -23.87 -35.40 0.76
N LYS A 39 -22.76 -36.15 0.59
CA LYS A 39 -22.89 -37.58 0.32
C LYS A 39 -23.59 -38.30 1.47
N ASN A 40 -23.12 -38.10 2.69
CA ASN A 40 -23.56 -38.88 3.85
C ASN A 40 -24.74 -38.29 4.62
N LYS A 41 -25.34 -37.20 4.16
CA LYS A 41 -26.47 -36.56 4.85
C LYS A 41 -26.13 -36.31 6.33
N LEU A 42 -24.87 -35.93 6.57
CA LEU A 42 -24.30 -35.94 7.90
C LEU A 42 -24.97 -34.91 8.81
N CYS A 43 -25.43 -35.37 9.96
CA CYS A 43 -25.95 -34.53 11.05
C CYS A 43 -27.03 -33.56 10.63
N ASN A 44 -27.70 -33.80 9.50
CA ASN A 44 -28.77 -32.92 9.03
C ASN A 44 -28.22 -31.50 8.85
N LEU A 45 -26.95 -31.40 8.44
CA LEU A 45 -26.29 -30.10 8.39
C LEU A 45 -26.82 -29.23 7.26
N ASN A 46 -26.88 -27.93 7.54
CA ASN A 46 -27.23 -26.90 6.56
C ASN A 46 -26.00 -26.63 5.70
N GLU A 47 -25.90 -27.32 4.56
CA GLU A 47 -24.74 -27.12 3.68
C GLU A 47 -24.65 -25.70 3.11
N LEU A 48 -25.74 -24.93 3.15
CA LEU A 48 -25.71 -23.54 2.72
C LEU A 48 -24.72 -22.75 3.53
N LYS A 49 -24.56 -23.10 4.80
CA LYS A 49 -23.69 -22.32 5.66
C LYS A 49 -22.25 -22.81 5.60
N PHE A 50 -22.03 -24.09 5.30
CA PHE A 50 -20.67 -24.50 5.01
C PHE A 50 -20.15 -23.85 3.71
N SER A 51 -21.01 -23.78 2.68
CA SER A 51 -20.62 -23.12 1.44
C SER A 51 -20.40 -21.64 1.66
N SER A 52 -21.24 -21.01 2.51
CA SER A 52 -21.03 -19.62 2.84
C SER A 52 -19.74 -19.40 3.63
N LEU A 53 -19.32 -20.39 4.44
CA LEU A 53 -18.03 -20.26 5.12
C LEU A 53 -16.90 -20.17 4.10
N SER A 54 -16.92 -21.05 3.08
CA SER A 54 -15.87 -20.93 2.05
C SER A 54 -15.90 -19.55 1.41
N ARG A 55 -17.11 -19.06 1.10
CA ARG A 55 -17.22 -17.76 0.47
C ARG A 55 -16.67 -16.65 1.36
N GLU A 56 -17.06 -16.65 2.64
CA GLU A 56 -16.61 -15.61 3.58
C GLU A 56 -15.09 -15.64 3.75
N LEU A 57 -14.49 -16.83 3.76
CA LEU A 57 -13.04 -16.91 3.90
C LEU A 57 -12.34 -16.25 2.71
N LYS A 58 -12.79 -16.57 1.48
CA LYS A 58 -12.20 -15.92 0.31
C LYS A 58 -12.37 -14.41 0.39
N LEU A 59 -13.58 -13.97 0.78
CA LEU A 59 -13.87 -12.55 0.86
C LEU A 59 -13.03 -11.85 1.93
N PHE A 60 -12.85 -12.51 3.07
CA PHE A 60 -12.07 -11.92 4.15
C PHE A 60 -10.62 -11.75 3.73
N GLU A 61 -10.04 -12.77 3.08
CA GLU A 61 -8.67 -12.58 2.62
C GLU A 61 -8.60 -11.39 1.69
N GLU A 62 -9.59 -11.25 0.81
CA GLU A 62 -9.58 -10.10 -0.11
C GLU A 62 -9.63 -8.80 0.64
N LEU A 63 -10.47 -8.71 1.68
CA LEU A 63 -10.62 -7.48 2.44
C LEU A 63 -9.37 -7.14 3.23
N LEU A 64 -8.53 -8.12 3.52
CA LEU A 64 -7.24 -7.77 4.10
C LEU A 64 -6.26 -7.33 3.01
N LYS A 65 -6.17 -8.09 1.91
CA LYS A 65 -5.11 -7.81 0.92
C LYS A 65 -5.37 -6.51 0.17
N ILE A 66 -6.63 -6.15 -0.02
CA ILE A 66 -7.02 -4.87 -0.60
C ILE A 66 -7.56 -3.99 0.51
N PRO A 67 -6.83 -2.95 0.94
CA PRO A 67 -7.25 -2.19 2.12
C PRO A 67 -8.68 -1.68 2.00
N SER A 68 -9.51 -2.03 2.96
CA SER A 68 -10.96 -1.90 2.92
C SER A 68 -11.46 -1.23 4.19
N PRO A 69 -12.65 -0.62 4.15
CA PRO A 69 -13.14 0.10 5.32
C PRO A 69 -13.33 -0.85 6.49
N PRO A 70 -13.19 -0.35 7.72
CA PRO A 70 -13.29 -1.24 8.90
C PRO A 70 -14.62 -1.98 9.00
N GLU A 71 -15.71 -1.39 8.54
CA GLU A 71 -17.02 -2.03 8.66
C GLU A 71 -17.05 -3.36 7.90
N LYS A 72 -16.47 -3.38 6.69
CA LYS A 72 -16.47 -4.61 5.89
C LYS A 72 -15.62 -5.70 6.54
N ILE A 73 -14.44 -5.34 7.04
CA ILE A 73 -13.58 -6.32 7.70
C ILE A 73 -14.26 -6.89 8.94
N ALA A 74 -14.81 -6.00 9.77
CA ALA A 74 -15.47 -6.42 11.00
C ALA A 74 -16.65 -7.34 10.70
N ASN A 75 -17.46 -6.97 9.72
CA ASN A 75 -18.62 -7.79 9.41
C ASN A 75 -18.20 -9.16 8.94
N SER A 76 -17.14 -9.23 8.13
CA SER A 76 -16.68 -10.51 7.62
C SER A 76 -16.20 -11.42 8.75
N ILE A 77 -15.43 -10.86 9.69
CA ILE A 77 -14.97 -11.64 10.85
C ILE A 77 -16.17 -12.14 11.66
N TYR A 78 -17.19 -11.29 11.80
CA TYR A 78 -18.38 -11.69 12.52
C TYR A 78 -19.04 -12.89 11.83
N LYS A 79 -19.26 -12.79 10.52
CA LYS A 79 -19.92 -13.88 9.80
C LYS A 79 -19.14 -15.18 9.90
N ILE A 80 -17.80 -15.11 9.79
CA ILE A 80 -16.98 -16.32 9.91
C ILE A 80 -17.17 -16.95 11.27
N ASN A 81 -17.06 -16.15 12.33
CA ASN A 81 -17.27 -16.66 13.69
C ASN A 81 -18.65 -17.25 13.83
N ASP A 82 -19.66 -16.59 13.27
CA ASP A 82 -21.03 -17.04 13.40
C ASP A 82 -21.22 -18.41 12.76
N ILE A 83 -20.78 -18.56 11.51
CA ILE A 83 -20.95 -19.83 10.81
C ILE A 83 -20.20 -20.94 11.51
N LEU A 84 -18.96 -20.65 11.93
CA LEU A 84 -18.18 -21.64 12.66
C LEU A 84 -18.92 -22.09 13.91
N GLU A 85 -19.39 -21.14 14.71
CA GLU A 85 -20.00 -21.48 15.99
C GLU A 85 -21.24 -22.34 15.77
N SER A 86 -22.10 -21.97 14.81
CA SER A 86 -23.31 -22.77 14.56
C SER A 86 -22.96 -24.16 14.00
N SER A 87 -21.97 -24.25 13.11
CA SER A 87 -21.58 -25.57 12.60
C SER A 87 -21.04 -26.47 13.70
N ILE A 88 -20.20 -25.92 14.57
CA ILE A 88 -19.68 -26.72 15.67
C ILE A 88 -20.83 -27.17 16.53
N ARG A 89 -21.78 -26.27 16.80
CA ARG A 89 -22.90 -26.63 17.67
C ARG A 89 -23.70 -27.77 17.06
N GLU A 90 -23.94 -27.70 15.75
CA GLU A 90 -24.70 -28.78 15.11
C GLU A 90 -23.95 -30.11 15.23
N PHE A 91 -22.64 -30.12 15.02
CA PHE A 91 -21.95 -31.39 15.25
C PHE A 91 -22.01 -31.81 16.73
N LYS A 92 -21.92 -30.85 17.65
CA LYS A 92 -22.00 -31.16 19.07
C LYS A 92 -23.31 -31.87 19.41
N LEU A 93 -24.44 -31.28 19.03
CA LEU A 93 -25.75 -31.80 19.37
C LEU A 93 -26.16 -33.00 18.53
N CYS A 94 -25.47 -33.24 17.43
CA CYS A 94 -25.80 -34.35 16.56
C CYS A 94 -25.76 -35.66 17.32
N SER A 95 -26.84 -36.44 17.24
CA SER A 95 -26.87 -37.75 17.87
C SER A 95 -25.81 -38.65 17.23
N LYS A 96 -24.96 -39.22 18.07
CA LYS A 96 -23.78 -39.94 17.62
C LYS A 96 -24.04 -41.43 17.56
N ASN A 97 -23.46 -42.08 16.56
CA ASN A 97 -23.51 -43.53 16.47
C ASN A 97 -22.20 -44.01 15.87
N SER A 98 -22.09 -45.33 15.69
CA SER A 98 -20.84 -45.92 15.23
C SER A 98 -20.47 -45.49 13.81
N GLU A 99 -21.47 -45.35 12.93
CA GLU A 99 -21.18 -45.09 11.52
C GLU A 99 -20.80 -43.64 11.27
N ASN A 100 -21.60 -42.69 11.76
CA ASN A 100 -21.37 -41.28 11.44
C ASN A 100 -20.10 -40.75 12.11
N LEU A 101 -19.67 -41.35 13.22
CA LEU A 101 -18.53 -40.85 13.98
C LEU A 101 -17.23 -40.90 13.17
N PHE A 102 -17.11 -41.86 12.25
CA PHE A 102 -15.93 -41.94 11.39
C PHE A 102 -15.70 -40.62 10.65
N PHE A 103 -16.77 -39.97 10.21
CA PHE A 103 -16.67 -38.68 9.54
C PHE A 103 -16.72 -37.52 10.52
N ILE A 104 -17.54 -37.62 11.56
CA ILE A 104 -17.72 -36.50 12.48
C ILE A 104 -16.43 -36.18 13.22
N LYS A 105 -15.69 -37.21 13.66
CA LYS A 105 -14.52 -36.92 14.50
C LYS A 105 -13.53 -35.96 13.82
N PRO A 106 -12.96 -36.32 12.66
CA PRO A 106 -12.02 -35.39 12.03
C PRO A 106 -12.64 -34.07 11.55
N ILE A 107 -13.90 -34.06 11.12
CA ILE A 107 -14.51 -32.82 10.65
C ILE A 107 -14.74 -31.86 11.81
N GLN A 108 -15.27 -32.36 12.93
CA GLN A 108 -15.43 -31.53 14.11
C GLN A 108 -14.09 -31.05 14.62
N LYS A 109 -13.08 -31.92 14.63
CA LYS A 109 -11.77 -31.49 15.08
C LYS A 109 -11.25 -30.34 14.21
N PHE A 110 -11.37 -30.49 12.88
CA PHE A 110 -10.87 -29.46 11.97
C PHE A 110 -11.58 -28.13 12.23
N LEU A 111 -12.90 -28.17 12.35
CA LEU A 111 -13.64 -26.94 12.60
C LEU A 111 -13.25 -26.33 13.95
N VAL A 112 -13.04 -27.16 14.97
CA VAL A 112 -12.64 -26.62 16.27
C VAL A 112 -11.26 -25.98 16.22
N ASP A 113 -10.31 -26.65 15.55
CA ASP A 113 -8.96 -26.12 15.41
C ASP A 113 -8.96 -24.80 14.66
N PHE A 114 -9.72 -24.74 13.55
CA PHE A 114 -9.86 -23.51 12.79
C PHE A 114 -10.47 -22.42 13.66
N GLN A 115 -11.47 -22.76 14.47
CA GLN A 115 -12.07 -21.76 15.35
C GLN A 115 -11.06 -21.25 16.38
N LYS A 116 -10.19 -22.13 16.90
CA LYS A 116 -9.19 -21.66 17.85
C LYS A 116 -8.30 -20.62 17.21
N ILE A 117 -7.90 -20.86 15.95
CA ILE A 117 -7.14 -19.85 15.23
C ILE A 117 -7.93 -18.56 15.09
N VAL A 118 -9.21 -18.67 14.69
CA VAL A 118 -10.01 -17.48 14.46
C VAL A 118 -10.16 -16.67 15.73
N LEU A 119 -10.49 -17.34 16.84
CA LEU A 119 -10.76 -16.65 18.09
C LEU A 119 -9.50 -16.04 18.69
N GLU A 120 -8.35 -16.69 18.56
CA GLU A 120 -7.13 -16.05 19.03
C GLU A 120 -6.54 -15.02 18.08
N LYS A 121 -6.84 -15.03 16.77
CA LYS A 121 -6.14 -14.13 15.85
C LYS A 121 -6.98 -13.04 15.20
N LEU A 122 -8.31 -13.20 15.06
CA LEU A 122 -9.12 -12.20 14.35
C LEU A 122 -9.88 -11.33 15.33
N PRO A 123 -9.64 -10.03 15.39
CA PRO A 123 -10.37 -9.17 16.33
C PRO A 123 -11.85 -9.18 16.04
N LEU A 124 -12.66 -9.41 17.09
CA LEU A 124 -14.12 -9.56 16.94
C LEU A 124 -14.81 -8.49 17.75
N ASP A 125 -15.47 -7.55 17.07
CA ASP A 125 -16.33 -6.54 17.67
C ASP A 125 -17.67 -6.59 16.96
N LYS A 126 -18.71 -7.08 17.64
CA LYS A 126 -20.01 -7.26 17.00
C LYS A 126 -20.85 -5.98 16.89
N LYS A 127 -20.50 -4.89 17.56
CA LYS A 127 -21.28 -3.65 17.39
C LYS A 127 -20.69 -2.63 16.39
N ILE A 128 -19.61 -2.93 15.65
CA ILE A 128 -18.94 -1.96 14.78
C ILE A 128 -19.93 -1.43 13.73
N ASN A 129 -20.66 -2.38 13.16
CA ASN A 129 -21.58 -2.28 12.03
C ASN A 129 -22.88 -1.63 12.35
N LYS A 130 -23.22 -1.50 13.65
CA LYS A 130 -24.27 -0.61 14.09
C LYS A 130 -23.94 0.85 13.83
N TYR A 131 -22.68 1.24 13.71
CA TYR A 131 -22.31 2.67 13.63
C TYR A 131 -21.39 2.94 12.43
N SER A 132 -21.82 2.48 11.26
CA SER A 132 -20.98 2.50 10.09
C SER A 132 -20.75 3.89 9.50
N ASN A 133 -21.47 4.93 9.95
CA ASN A 133 -21.35 6.26 9.35
C ASN A 133 -20.52 7.24 10.16
N ILE A 134 -20.09 6.89 11.37
CA ILE A 134 -19.44 7.83 12.26
C ILE A 134 -18.14 7.22 12.79
N ALA A 135 -17.25 8.10 13.21
CA ALA A 135 -16.01 7.68 13.84
C ALA A 135 -16.28 7.35 15.32
N THR A 136 -15.73 6.22 15.79
CA THR A 136 -15.94 5.81 17.18
C THR A 136 -14.64 5.27 17.78
N LEU A 137 -14.52 5.37 19.11
CA LEU A 137 -13.35 4.83 19.79
C LEU A 137 -13.24 3.33 19.59
N GLU A 138 -14.37 2.63 19.66
CA GLU A 138 -14.34 1.19 19.47
C GLU A 138 -13.76 0.83 18.10
N LYS A 139 -14.12 1.60 17.06
CA LYS A 139 -13.59 1.35 15.73
C LYS A 139 -12.08 1.59 15.68
N VAL A 140 -11.58 2.63 16.39
CA VAL A 140 -10.15 2.83 16.45
C VAL A 140 -9.47 1.64 17.13
N GLU A 141 -10.07 1.13 18.22
CA GLU A 141 -9.49 -0.06 18.85
C GLU A 141 -9.48 -1.23 17.89
N PHE A 142 -10.58 -1.43 17.18
CA PHE A 142 -10.70 -2.54 16.24
C PHE A 142 -9.63 -2.45 15.17
N MET A 143 -9.45 -1.26 14.59
CA MET A 143 -8.46 -1.15 13.52
C MET A 143 -7.03 -1.19 14.04
N LYS A 144 -6.82 -0.80 15.31
CA LYS A 144 -5.52 -1.04 15.93
C LYS A 144 -5.23 -2.54 16.01
N ASN A 145 -6.22 -3.32 16.42
CA ASN A 145 -6.01 -4.76 16.48
C ASN A 145 -5.86 -5.36 15.08
N ILE A 146 -6.57 -4.81 14.09
CA ILE A 146 -6.40 -5.27 12.70
C ILE A 146 -5.01 -4.95 12.20
N ILE A 147 -4.48 -3.78 12.53
CA ILE A 147 -3.13 -3.45 12.12
C ILE A 147 -2.14 -4.41 12.78
N LYS A 148 -2.37 -4.75 14.05
CA LYS A 148 -1.52 -5.76 14.70
C LYS A 148 -1.57 -7.08 13.94
N LEU A 149 -2.78 -7.52 13.58
CA LEU A 149 -2.93 -8.74 12.80
C LEU A 149 -2.17 -8.65 11.48
N LEU A 150 -2.34 -7.54 10.76
CA LEU A 150 -1.69 -7.35 9.47
C LEU A 150 -0.19 -7.46 9.61
N ILE A 151 0.36 -6.87 10.69
CA ILE A 151 1.79 -6.93 10.91
C ILE A 151 2.21 -8.39 11.12
N ASN A 152 1.45 -9.14 11.93
CA ASN A 152 1.74 -10.56 12.14
C ASN A 152 1.85 -11.33 10.83
N TRP A 153 0.96 -11.05 9.87
CA TRP A 153 0.94 -11.77 8.61
C TRP A 153 1.87 -11.14 7.55
N LYS A 154 2.79 -10.27 7.99
CA LYS A 154 3.75 -9.59 7.12
C LYS A 154 3.07 -8.75 6.05
N MET A 155 1.86 -8.25 6.32
CA MET A 155 1.16 -7.41 5.35
C MET A 155 1.43 -5.93 5.67
N TYR A 156 2.66 -5.49 5.36
CA TYR A 156 3.17 -4.21 5.86
C TYR A 156 2.54 -2.99 5.17
N SER A 157 2.51 -2.96 3.84
CA SER A 157 1.96 -1.77 3.20
C SER A 157 0.47 -1.60 3.51
N GLU A 158 -0.27 -2.71 3.63
CA GLU A 158 -1.68 -2.65 4.05
C GLU A 158 -1.78 -2.07 5.47
N ALA A 159 -0.88 -2.51 6.36
CA ALA A 159 -0.85 -1.98 7.71
C ALA A 159 -0.61 -0.47 7.72
N VAL A 160 0.27 0.02 6.84
CA VAL A 160 0.61 1.46 6.85
C VAL A 160 -0.55 2.29 6.31
N ILE A 161 -1.20 1.82 5.25
CA ILE A 161 -2.37 2.51 4.72
C ILE A 161 -3.43 2.66 5.81
N HIS A 162 -3.71 1.56 6.50
CA HIS A 162 -4.68 1.62 7.56
C HIS A 162 -4.20 2.50 8.71
N LEU A 163 -2.90 2.53 8.99
CA LEU A 163 -2.44 3.36 10.08
C LEU A 163 -2.80 4.82 9.81
N ARG A 164 -2.59 5.26 8.57
CA ARG A 164 -2.93 6.65 8.28
C ARG A 164 -4.41 6.89 8.51
N GLU A 165 -5.27 5.98 8.01
CA GLU A 165 -6.71 6.25 8.18
C GLU A 165 -7.12 6.19 9.65
N LEU A 166 -6.48 5.33 10.44
CA LEU A 166 -6.74 5.29 11.87
C LEU A 166 -6.39 6.61 12.55
N LEU A 167 -5.25 7.20 12.16
CA LEU A 167 -4.89 8.50 12.74
C LEU A 167 -5.92 9.57 12.38
N ILE A 168 -6.37 9.58 11.12
CA ILE A 168 -7.40 10.54 10.75
C ILE A 168 -8.64 10.36 11.62
N ASP A 169 -9.05 9.09 11.85
CA ASP A 169 -10.20 8.83 12.71
C ASP A 169 -10.00 9.40 14.10
N ILE A 170 -8.80 9.22 14.67
CA ILE A 170 -8.53 9.74 16.00
C ILE A 170 -8.66 11.26 16.02
N LYS A 171 -8.10 11.92 14.99
CA LYS A 171 -8.22 13.37 14.91
C LYS A 171 -9.67 13.81 14.87
N LEU A 172 -10.47 13.14 14.02
CA LEU A 172 -11.89 13.50 13.89
C LEU A 172 -12.59 13.37 15.23
N ILE A 173 -12.37 12.26 15.93
CA ILE A 173 -13.05 12.03 17.21
C ILE A 173 -12.66 13.10 18.23
N GLU A 174 -11.35 13.39 18.34
CA GLU A 174 -10.93 14.33 19.39
C GLU A 174 -11.49 15.73 19.18
N ASN A 175 -11.67 16.15 17.92
CA ASN A 175 -12.25 17.45 17.61
C ASN A 175 -13.77 17.44 17.55
N GLY A 176 -14.41 16.40 18.06
CA GLY A 176 -15.85 16.36 17.97
C GLY A 176 -16.38 16.39 16.54
N LYS A 177 -15.67 15.77 15.60
CA LYS A 177 -16.08 15.76 14.20
C LYS A 177 -16.32 14.34 13.69
N TYR A 178 -16.84 13.47 14.58
CA TYR A 178 -17.05 12.08 14.22
C TYR A 178 -18.01 11.92 13.06
N PHE A 179 -18.85 12.91 12.78
CA PHE A 179 -19.82 12.78 11.68
C PHE A 179 -19.19 13.05 10.32
N TYR A 180 -17.93 13.47 10.30
CA TYR A 180 -17.18 13.65 9.07
C TYR A 180 -16.41 12.40 8.66
N TYR A 181 -16.56 11.32 9.42
CA TYR A 181 -15.93 10.02 9.18
C TYR A 181 -15.93 9.56 7.73
N ASN A 182 -17.01 9.79 7.01
CA ASN A 182 -17.11 9.25 5.67
C ASN A 182 -17.08 10.33 4.61
N ASN A 183 -16.60 11.52 4.98
CA ASN A 183 -16.49 12.66 4.09
C ASN A 183 -15.04 12.78 3.63
N LYS A 184 -14.79 12.51 2.35
CA LYS A 184 -13.41 12.41 1.85
C LYS A 184 -12.65 13.71 2.04
N ASP A 185 -13.28 14.84 1.70
CA ASP A 185 -12.59 16.12 1.78
C ASP A 185 -12.16 16.43 3.21
N PHE A 186 -13.03 16.20 4.18
CA PHE A 186 -12.71 16.58 5.56
C PHE A 186 -11.69 15.63 6.17
N ARG A 187 -11.75 14.34 5.84
CA ARG A 187 -10.69 13.44 6.24
C ARG A 187 -9.36 13.94 5.73
N GLU A 188 -9.33 14.37 4.46
CA GLU A 188 -8.08 14.85 3.90
C GLU A 188 -7.61 16.15 4.54
N LYS A 189 -8.53 17.09 4.79
CA LYS A 189 -8.15 18.31 5.48
C LYS A 189 -7.59 18.00 6.85
N TYR A 190 -8.20 17.07 7.58
CA TYR A 190 -7.73 16.79 8.94
C TYR A 190 -6.38 16.10 8.93
N TRP A 191 -6.08 15.33 7.88
CA TRP A 191 -4.75 14.75 7.77
C TRP A 191 -3.69 15.81 7.44
N MET A 192 -4.03 16.74 6.54
CA MET A 192 -3.06 17.75 6.13
C MET A 192 -2.74 18.77 7.22
N TYR A 193 -3.71 19.11 8.07
CA TYR A 193 -3.61 20.33 8.88
C TYR A 193 -3.55 20.05 10.37
N SER A 194 -2.81 20.90 11.06
CA SER A 194 -2.48 20.83 12.47
C SER A 194 -3.42 21.70 13.29
N TYR A 195 -3.12 21.88 14.58
CA TYR A 195 -3.95 22.71 15.46
C TYR A 195 -3.07 23.42 16.48
N ASN A 196 -3.57 24.54 16.99
CA ASN A 196 -2.95 25.20 18.14
C ASN A 196 -3.37 24.57 19.46
N LYS A 203 -3.98 20.90 28.13
CA LYS A 203 -4.21 20.45 26.76
C LYS A 203 -3.23 19.34 26.40
N GLU A 204 -3.11 18.32 27.26
CA GLU A 204 -2.10 17.29 27.07
C GLU A 204 -2.43 16.39 25.88
N LEU A 205 -3.69 15.94 25.79
CA LEU A 205 -4.09 14.99 24.75
C LEU A 205 -3.87 15.51 23.34
N PRO A 206 -4.26 16.73 22.97
CA PRO A 206 -3.98 17.18 21.59
C PRO A 206 -2.50 17.21 21.26
N LYS A 207 -1.64 17.51 22.25
CA LYS A 207 -0.20 17.42 21.97
C LYS A 207 0.22 15.97 21.76
N LYS A 208 -0.32 15.03 22.55
CA LYS A 208 -0.03 13.61 22.31
C LYS A 208 -0.42 13.19 20.89
N ILE A 209 -1.61 13.59 20.46
CA ILE A 209 -2.11 13.23 19.12
C ILE A 209 -1.28 13.87 18.02
N GLU A 210 -0.97 15.15 18.17
CA GLU A 210 -0.12 15.82 17.19
C GLU A 210 1.21 15.12 17.10
N GLU A 211 1.67 14.64 18.23
CA GLU A 211 3.00 14.08 18.32
C GLU A 211 3.06 12.67 17.69
N LEU A 212 1.97 11.90 17.80
CA LEU A 212 1.78 10.70 16.95
C LEU A 212 1.74 11.02 15.46
N LEU A 213 0.99 12.04 15.08
CA LEU A 213 0.87 12.35 13.65
C LEU A 213 2.20 12.81 13.06
N LYS A 214 2.94 13.64 13.80
CA LYS A 214 4.23 14.09 13.30
C LYS A 214 5.19 12.92 13.16
N ASN A 215 5.23 12.05 14.18
CA ASN A 215 6.05 10.86 14.11
C ASN A 215 5.74 10.01 12.89
N VAL A 216 4.45 9.73 12.65
CA VAL A 216 4.12 8.86 11.53
C VAL A 216 4.45 9.54 10.21
N LYS A 217 4.10 10.82 10.06
CA LYS A 217 4.41 11.55 8.83
C LYS A 217 5.90 11.53 8.53
N GLY A 218 6.73 11.47 9.57
CA GLY A 218 8.17 11.43 9.36
C GLY A 218 8.65 10.27 8.52
N TRP A 219 8.02 9.10 8.63
CA TRP A 219 8.48 7.93 7.89
C TRP A 219 7.46 7.33 6.94
N ARG A 220 6.20 7.78 6.98
CA ARG A 220 5.13 7.06 6.29
C ARG A 220 5.40 6.93 4.80
N ASN A 221 5.88 8.01 4.16
CA ASN A 221 6.06 7.95 2.72
C ASN A 221 7.22 7.03 2.32
N SER A 222 8.08 6.63 3.25
CA SER A 222 9.10 5.65 2.94
C SER A 222 8.47 4.36 2.42
N VAL A 223 7.26 4.05 2.90
CA VAL A 223 6.48 2.91 2.42
C VAL A 223 5.43 3.33 1.40
N ALA A 224 4.72 4.43 1.69
CA ALA A 224 3.60 4.84 0.84
C ALA A 224 4.05 5.23 -0.58
N HIS A 225 5.32 5.61 -0.78
CA HIS A 225 5.85 6.01 -2.08
C HIS A 225 6.92 5.07 -2.60
N GLY A 226 6.86 3.81 -2.23
CA GLY A 226 7.75 2.83 -2.84
C GLY A 226 9.22 3.00 -2.57
N GLY A 227 9.60 3.81 -1.60
CA GLY A 227 11.01 3.96 -1.26
C GLY A 227 11.87 4.53 -2.35
N ARG A 228 11.32 5.37 -3.22
CA ARG A 228 12.13 5.98 -4.26
C ARG A 228 12.88 7.17 -3.70
N ALA A 229 13.78 7.73 -4.52
CA ALA A 229 14.59 8.89 -4.15
C ALA A 229 15.28 8.65 -2.81
N ASN A 230 15.85 7.44 -2.66
CA ASN A 230 16.61 7.08 -1.48
C ASN A 230 15.83 7.37 -0.20
N THR A 231 14.64 6.79 -0.13
CA THR A 231 13.84 6.86 1.08
C THR A 231 13.44 5.46 1.55
N SER A 232 14.04 4.43 0.98
CA SER A 232 13.73 3.05 1.31
C SER A 232 13.94 2.81 2.81
N ILE A 233 13.20 1.85 3.36
CA ILE A 233 13.24 1.51 4.77
C ILE A 233 13.17 -0.02 4.87
N ASN A 234 13.87 -0.60 5.83
CA ASN A 234 13.92 -2.05 5.92
C ASN A 234 12.92 -2.55 6.95
N GLN A 235 12.82 -3.88 7.04
CA GLN A 235 11.80 -4.47 7.89
C GLN A 235 12.01 -4.14 9.37
N LYS A 236 13.26 -4.18 9.83
CA LYS A 236 13.51 -3.91 11.24
C LYS A 236 13.04 -2.51 11.60
N THR A 237 13.40 -1.52 10.78
CA THR A 237 13.00 -0.14 11.05
C THR A 237 11.50 0.03 10.98
N LEU A 238 10.89 -0.53 9.94
CA LEU A 238 9.44 -0.40 9.80
C LEU A 238 8.73 -1.00 11.00
N GLU A 239 9.20 -2.16 11.47
CA GLU A 239 8.58 -2.79 12.63
C GLU A 239 8.72 -1.95 13.89
N GLU A 240 9.90 -1.35 14.09
CA GLU A 240 10.07 -0.45 15.23
C GLU A 240 9.13 0.74 15.16
N ASN A 241 9.04 1.37 13.97
CA ASN A 241 8.18 2.55 13.80
C ASN A 241 6.71 2.21 14.03
N LEU A 242 6.27 1.06 13.50
CA LEU A 242 4.89 0.64 13.73
C LEU A 242 4.63 0.34 15.19
N GLU A 243 5.57 -0.31 15.88
CA GLU A 243 5.38 -0.56 17.32
C GLU A 243 5.27 0.74 18.09
N ASN A 244 6.10 1.73 17.74
CA ASN A 244 6.04 3.01 18.44
C ASN A 244 4.69 3.68 18.24
N ALA A 245 4.19 3.67 17.00
CA ALA A 245 2.88 4.25 16.74
C ALA A 245 1.79 3.52 17.53
N LEU A 246 1.87 2.18 17.59
CA LEU A 246 0.84 1.42 18.28
C LEU A 246 0.83 1.73 19.77
N SER A 247 2.01 1.94 20.36
CA SER A 247 2.07 2.35 21.76
C SER A 247 1.42 3.72 21.96
N MET A 248 1.79 4.70 21.12
CA MET A 248 1.21 6.04 21.25
C MET A 248 -0.32 5.98 21.12
N ILE A 249 -0.79 5.14 20.21
CA ILE A 249 -2.23 4.97 20.03
C ILE A 249 -2.85 4.40 21.30
N ASP A 250 -2.20 3.42 21.93
CA ASP A 250 -2.74 2.82 23.15
C ASP A 250 -2.87 3.85 24.27
N GLU A 251 -1.81 4.65 24.49
CA GLU A 251 -1.88 5.70 25.50
C GLU A 251 -3.00 6.67 25.19
N ILE A 252 -3.13 7.04 23.91
CA ILE A 252 -4.13 8.02 23.50
C ILE A 252 -5.55 7.48 23.74
N LEU A 253 -5.78 6.20 23.43
CA LEU A 253 -7.11 5.64 23.64
C LEU A 253 -7.46 5.66 25.12
N LEU A 254 -6.48 5.31 25.97
CA LEU A 254 -6.72 5.35 27.41
C LEU A 254 -7.10 6.75 27.85
N SER A 255 -6.38 7.76 27.36
CA SER A 255 -6.75 9.14 27.70
C SER A 255 -8.14 9.49 27.21
N MET A 256 -8.52 8.97 26.04
CA MET A 256 -9.74 9.44 25.40
C MET A 256 -10.99 8.74 25.90
N LYS A 257 -10.84 7.73 26.75
CA LYS A 257 -12.01 6.99 27.22
C LYS A 257 -13.09 7.93 27.80
N ASP A 258 -12.70 8.87 28.68
CA ASP A 258 -13.68 9.71 29.37
C ASP A 258 -14.04 11.02 28.66
N LEU A 259 -13.26 11.46 27.68
CA LEU A 259 -13.43 12.77 27.04
C LEU A 259 -14.89 13.07 26.70
N LYS A 260 -15.23 14.36 26.76
CA LYS A 260 -16.54 14.87 26.41
C LYS A 260 -16.35 15.88 25.28
N VAL A 261 -16.86 15.54 24.08
CA VAL A 261 -16.80 16.45 22.93
C VAL A 261 -18.13 17.19 22.73
N SER A 263 -19.52 19.66 25.24
CA SER A 263 -20.33 19.57 24.04
C SER A 263 -21.09 20.88 23.86
N LYS A 264 -21.24 21.28 22.60
CA LYS A 264 -22.13 22.38 22.25
C LYS A 264 -23.58 21.88 22.17
N LYS A 265 -24.48 22.76 21.73
CA LYS A 265 -25.90 22.46 21.69
C LYS A 265 -26.21 21.52 20.53
N ILE A 266 -27.12 20.56 20.76
CA ILE A 266 -27.65 19.69 19.71
C ILE A 266 -29.17 19.82 19.68
N TYR A 267 -29.71 20.39 18.60
CA TYR A 267 -31.15 20.39 18.43
C TYR A 267 -31.68 18.99 18.10
N LEU A 268 -32.96 18.81 18.35
CA LEU A 268 -33.73 17.66 17.88
C LEU A 268 -34.87 18.21 17.04
N LEU A 269 -34.92 17.82 15.76
CA LEU A 269 -35.90 18.32 14.80
C LEU A 269 -36.60 17.15 14.13
N ASN A 270 -37.75 17.43 13.52
CA ASN A 270 -38.46 16.40 12.77
C ASN A 270 -38.47 16.66 11.27
N SER A 271 -37.65 17.58 10.77
CA SER A 271 -37.43 17.70 9.33
C SER A 271 -36.02 18.18 9.05
N THR A 272 -35.62 18.05 7.79
CA THR A 272 -34.28 18.45 7.37
C THR A 272 -34.35 19.90 6.94
N ILE A 273 -34.09 20.79 7.89
CA ILE A 273 -34.15 22.23 7.67
C ILE A 273 -32.76 22.82 7.86
N MET A 274 -32.53 23.99 7.26
CA MET A 274 -31.24 24.69 7.34
C MET A 274 -31.47 26.16 7.64
N PRO A 275 -32.25 26.53 8.66
CA PRO A 275 -32.49 27.96 8.93
C PRO A 275 -31.26 28.65 9.48
N ILE A 276 -31.03 29.88 9.04
CA ILE A 276 -29.98 30.71 9.62
C ILE A 276 -30.62 31.95 10.23
N PRO A 277 -29.93 32.61 11.15
CA PRO A 277 -30.48 33.83 11.75
C PRO A 277 -30.74 34.91 10.69
N LYS A 278 -31.82 35.68 10.87
CA LYS A 278 -32.17 36.73 9.91
C LYS A 278 -31.03 37.73 9.78
N ASP A 279 -30.14 37.72 10.76
CA ASP A 279 -28.93 38.52 10.80
C ASP A 279 -27.91 38.14 9.73
N ASN A 280 -27.86 36.85 9.36
CA ASN A 280 -26.76 36.25 8.60
C ASN A 280 -26.94 36.36 7.09
N GLN A 281 -25.83 36.57 6.37
CA GLN A 281 -25.94 36.61 4.93
C GLN A 281 -25.84 35.25 4.26
N GLU A 282 -25.21 34.25 4.89
CA GLU A 282 -24.88 33.01 4.17
C GLU A 282 -24.64 31.90 5.19
N GLY A 283 -24.81 30.67 4.74
CA GLY A 283 -24.51 29.51 5.55
C GLY A 283 -24.05 28.36 4.69
N LYS A 284 -23.22 27.49 5.28
CA LYS A 284 -22.83 26.21 4.67
C LYS A 284 -23.26 25.09 5.60
N PHE A 285 -24.02 24.12 5.09
CA PHE A 285 -24.53 23.05 5.94
C PHE A 285 -24.10 21.68 5.42
N TYR A 286 -23.94 20.75 6.35
CA TYR A 286 -23.64 19.37 6.04
C TYR A 286 -24.75 18.48 6.59
N ILE A 287 -25.17 17.48 5.81
CA ILE A 287 -26.20 16.57 6.28
C ILE A 287 -25.73 15.14 6.04
N LEU A 288 -25.87 14.31 7.07
CA LEU A 288 -25.40 12.94 7.06
C LEU A 288 -26.56 12.02 7.45
N LYS A 289 -26.84 11.02 6.60
CA LYS A 289 -27.87 10.04 6.92
C LYS A 289 -27.33 9.06 7.98
N LEU A 290 -28.14 8.76 8.96
CA LEU A 290 -27.73 7.99 10.13
C LEU A 290 -28.44 6.65 10.14
N THR A 291 -27.89 5.72 10.89
CA THR A 291 -28.57 4.49 11.25
C THR A 291 -29.43 4.73 12.49
N LYS A 292 -30.39 3.85 12.72
CA LYS A 292 -31.24 3.98 13.91
C LYS A 292 -30.41 3.93 15.18
N ASN A 293 -29.31 3.16 15.16
CA ASN A 293 -28.44 3.07 16.32
C ASN A 293 -27.61 4.33 16.51
N GLU A 294 -27.16 4.93 15.40
CA GLU A 294 -26.42 6.19 15.51
C GLU A 294 -27.31 7.27 16.11
N PHE A 295 -28.56 7.37 15.62
CA PHE A 295 -29.52 8.29 16.18
C PHE A 295 -29.69 8.03 17.68
N LYS A 296 -29.84 6.77 18.07
CA LYS A 296 -30.06 6.48 19.49
C LYS A 296 -28.89 6.93 20.36
N VAL A 297 -27.67 6.55 19.99
CA VAL A 297 -26.51 6.85 20.83
C VAL A 297 -26.21 8.34 20.87
N ILE A 298 -26.24 9.02 19.71
CA ILE A 298 -26.08 10.48 19.72
C ILE A 298 -27.15 11.09 20.62
N LEU A 299 -28.37 10.53 20.59
CA LEU A 299 -29.48 11.13 21.31
C LEU A 299 -29.34 11.09 22.85
N GLU A 300 -29.11 9.95 23.52
CA GLU A 300 -28.82 10.15 24.97
C GLU A 300 -27.54 10.93 25.22
N ASN A 301 -26.49 10.65 24.47
CA ASN A 301 -25.32 11.41 24.87
C ASN A 301 -25.72 12.88 24.97
N ALA A 302 -26.59 13.33 24.06
CA ALA A 302 -27.04 14.69 24.17
C ALA A 302 -27.86 14.87 25.43
N ILE A 303 -28.68 13.88 25.77
CA ILE A 303 -29.53 13.99 26.96
C ILE A 303 -28.70 14.04 28.24
N LYS A 304 -27.78 13.08 28.42
CA LYS A 304 -26.93 13.00 29.61
C LYS A 304 -25.98 14.18 29.69
N ASP A 305 -25.53 14.70 28.55
CA ASP A 305 -24.67 15.87 28.56
C ASP A 305 -25.45 17.17 28.72
N ASP A 306 -26.78 17.10 28.80
CA ASP A 306 -27.62 18.29 28.94
C ASP A 306 -27.33 19.32 27.86
N VAL A 307 -27.17 18.84 26.63
CA VAL A 307 -27.01 19.72 25.48
C VAL A 307 -28.14 19.60 24.49
N LEU A 308 -29.13 18.74 24.74
CA LEU A 308 -30.26 18.59 23.83
C LEU A 308 -31.18 19.79 23.91
N ASP A 309 -31.56 20.31 22.75
CA ASP A 309 -32.53 21.39 22.62
C ASP A 309 -33.64 20.93 21.67
N SER A 310 -34.73 20.42 22.22
CA SER A 310 -35.77 19.77 21.44
C SER A 310 -36.68 20.79 20.79
N ALA A 311 -37.02 20.55 19.53
CA ALA A 311 -38.01 21.35 18.82
C ALA A 311 -39.02 20.44 18.13
N ILE A 312 -39.23 19.24 18.68
CA ILE A 312 -40.17 18.28 18.15
C ILE A 312 -41.58 18.74 18.50
N GLY A 313 -42.42 18.95 17.49
CA GLY A 313 -43.68 19.57 17.82
C GLY A 313 -44.84 18.65 18.15
N HIS A 314 -44.93 17.50 17.49
CA HIS A 314 -46.07 16.59 17.62
C HIS A 314 -45.68 15.41 18.49
N GLU A 315 -46.51 15.12 19.51
CA GLU A 315 -46.19 14.11 20.49
C GLU A 315 -46.29 12.69 19.95
N SER A 316 -46.89 12.48 18.78
CA SER A 316 -46.76 11.17 18.15
C SER A 316 -45.30 10.83 17.92
N VAL A 317 -44.49 11.85 17.59
CA VAL A 317 -43.05 11.67 17.43
C VAL A 317 -42.38 11.49 18.80
N ILE A 318 -42.86 12.21 19.81
CA ILE A 318 -42.33 12.02 21.16
C ILE A 318 -42.58 10.59 21.62
N GLU A 319 -43.73 10.03 21.24
CA GLU A 319 -44.06 8.65 21.58
C GLU A 319 -43.26 7.67 20.74
N PHE A 320 -43.04 7.95 19.45
CA PHE A 320 -42.14 7.10 18.70
C PHE A 320 -40.78 7.04 19.38
N ILE A 321 -40.26 8.19 19.81
CA ILE A 321 -38.93 8.22 20.41
C ILE A 321 -38.94 7.45 21.71
N LYS A 322 -39.94 7.71 22.57
CA LYS A 322 -40.06 7.04 23.85
C LYS A 322 -40.21 5.54 23.68
N ASP A 323 -41.01 5.11 22.71
CA ASP A 323 -41.29 3.69 22.52
C ASP A 323 -40.12 2.94 21.88
N LYS A 324 -39.50 3.49 20.83
CA LYS A 324 -38.52 2.74 20.07
C LYS A 324 -37.09 2.90 20.58
N PHE A 325 -36.83 3.95 21.36
CA PHE A 325 -35.49 4.20 21.90
C PHE A 325 -35.47 4.25 23.42
N GLU A 326 -36.63 4.24 24.06
CA GLU A 326 -36.72 4.35 25.51
C GLU A 326 -35.98 5.59 25.98
N LEU A 327 -36.22 6.70 25.29
CA LEU A 327 -35.66 7.97 25.69
C LEU A 327 -36.79 8.97 25.83
N THR A 328 -36.63 9.88 26.78
CA THR A 328 -37.65 10.87 27.06
C THR A 328 -37.18 12.23 26.56
N VAL A 329 -37.99 12.84 25.70
CA VAL A 329 -37.66 14.07 25.01
C VAL A 329 -38.78 15.08 25.22
N PRO A 330 -38.48 16.31 25.63
CA PRO A 330 -39.54 17.30 25.85
C PRO A 330 -40.21 17.71 24.55
N LEU A 331 -41.48 18.07 24.64
CA LEU A 331 -42.21 18.60 23.49
C LEU A 331 -42.05 20.11 23.43
N LYS A 332 -41.82 20.64 22.24
CA LYS A 332 -41.66 22.09 22.07
C LYS A 332 -41.88 22.48 20.63
N ARG A 333 -42.93 23.27 20.38
CA ARG A 333 -43.17 23.85 19.06
C ARG A 333 -42.43 25.19 19.00
N LYS A 334 -41.37 25.27 18.21
CA LYS A 334 -40.63 26.53 18.16
C LYS A 334 -39.77 26.61 16.89
N GLU A 335 -39.55 27.84 16.44
CA GLU A 335 -38.56 28.10 15.41
C GLU A 335 -37.15 28.01 15.98
N ILE A 336 -36.22 27.49 15.19
CA ILE A 336 -34.83 27.53 15.57
C ILE A 336 -34.03 28.11 14.42
N TYR A 337 -32.81 28.53 14.73
CA TYR A 337 -31.85 29.03 13.76
C TYR A 337 -30.49 28.43 14.10
N PHE A 338 -29.81 27.87 13.12
CA PHE A 338 -28.47 27.36 13.36
C PHE A 338 -27.46 28.48 13.45
N GLU A 339 -26.69 28.51 14.54
CA GLU A 339 -25.48 29.31 14.52
C GLU A 339 -24.32 28.44 14.01
N LYS A 340 -23.29 29.10 13.51
CA LYS A 340 -22.10 28.36 13.08
C LYS A 340 -21.68 27.40 14.18
N GLY A 341 -21.45 26.15 13.81
CA GLY A 341 -21.00 25.15 14.75
C GLY A 341 -22.07 24.42 15.51
N GLU A 342 -23.34 24.75 15.31
CA GLU A 342 -24.41 24.01 15.96
C GLU A 342 -24.81 22.78 15.13
N SER A 343 -25.45 21.82 15.80
CA SER A 343 -25.83 20.54 15.21
C SER A 343 -27.30 20.26 15.45
N ALA A 344 -27.80 19.24 14.75
CA ALA A 344 -29.16 18.77 14.96
C ALA A 344 -29.24 17.29 14.66
N LEU A 345 -30.08 16.59 15.43
CA LEU A 345 -30.57 15.28 15.09
C LEU A 345 -31.93 15.44 14.44
N VAL A 346 -32.17 14.70 13.36
CA VAL A 346 -33.43 14.77 12.62
C VAL A 346 -34.06 13.38 12.60
N ILE A 347 -35.32 13.31 12.99
CA ILE A 347 -36.15 12.14 12.76
C ILE A 347 -37.24 12.61 11.81
N LYS A 348 -37.15 12.18 10.56
CA LYS A 348 -37.97 12.68 9.47
C LYS A 348 -38.92 11.60 8.99
N LEU A 349 -40.22 11.88 9.02
CA LEU A 349 -41.17 11.00 8.37
C LEU A 349 -41.14 11.33 6.89
N GLU A 350 -40.81 10.35 6.06
CA GLU A 350 -40.56 10.57 4.65
C GLU A 350 -41.84 10.72 3.82
N LYS A 351 -43.01 10.64 4.44
CA LYS A 351 -44.26 10.92 3.74
C LYS A 351 -45.02 11.95 4.57
N ARG A 352 -45.21 13.14 4.01
CA ARG A 352 -46.03 14.19 4.61
C ARG A 352 -47.48 13.80 4.41
N LYS A 357 -51.25 15.33 8.90
CA LYS A 357 -51.42 16.10 10.12
C LYS A 357 -51.14 15.25 11.37
N ILE A 358 -52.10 14.44 11.76
CA ILE A 358 -51.89 13.49 12.85
C ILE A 358 -51.45 12.17 12.23
N TYR A 359 -50.40 11.59 12.78
CA TYR A 359 -50.03 10.21 12.48
C TYR A 359 -50.21 9.41 13.77
N THR A 360 -51.11 8.43 13.74
CA THR A 360 -51.24 7.57 14.89
C THR A 360 -49.96 6.74 15.03
N LYS A 361 -49.71 6.26 16.24
CA LYS A 361 -48.48 5.52 16.48
C LYS A 361 -48.44 4.20 15.72
N GLU A 362 -49.58 3.53 15.52
CA GLU A 362 -49.57 2.31 14.73
C GLU A 362 -49.08 2.60 13.29
N GLU A 363 -49.52 3.71 12.72
CA GLU A 363 -49.04 4.12 11.40
C GLU A 363 -47.53 4.39 11.41
N MET A 364 -47.04 5.05 12.46
CA MET A 364 -45.61 5.34 12.54
C MET A 364 -44.79 4.07 12.66
N ASP A 365 -45.31 3.07 13.38
CA ASP A 365 -44.64 1.78 13.42
C ASP A 365 -44.55 1.22 12.01
N PHE A 366 -45.66 1.33 11.24
CA PHE A 366 -45.67 0.90 9.82
C PHE A 366 -44.59 1.63 9.01
N MET A 367 -44.41 2.90 9.30
CA MET A 367 -43.37 3.64 8.61
C MET A 367 -41.97 3.09 8.95
N GLU A 368 -41.69 2.78 10.21
CA GLU A 368 -40.37 2.22 10.56
C GLU A 368 -40.16 0.89 9.84
N GLU A 369 -41.17 0.04 9.92
CA GLU A 369 -41.31 -1.14 9.09
C GLU A 369 -40.73 -1.02 7.69
N ASN A 370 -41.12 0.02 6.97
CA ASN A 370 -40.88 0.13 5.53
C ASN A 370 -40.00 1.29 5.06
N ASN A 371 -39.00 1.72 5.83
CA ASN A 371 -38.16 2.85 5.46
C ASN A 371 -38.97 4.10 5.11
N LEU A 372 -39.80 4.53 6.05
CA LEU A 372 -40.41 5.84 5.97
C LEU A 372 -39.96 6.72 7.12
N ILE A 373 -39.05 6.23 7.97
CA ILE A 373 -38.44 7.00 9.04
C ILE A 373 -36.98 7.17 8.68
N GLY A 374 -36.54 8.41 8.55
CA GLY A 374 -35.16 8.73 8.25
C GLY A 374 -34.50 9.44 9.42
N TYR A 375 -33.25 9.12 9.68
CA TYR A 375 -32.51 9.76 10.75
C TYR A 375 -31.35 10.51 10.15
N TYR A 376 -31.13 11.74 10.60
CA TYR A 376 -30.10 12.57 10.01
C TYR A 376 -29.35 13.34 11.08
N TYR A 377 -28.12 13.69 10.75
CA TYR A 377 -27.33 14.64 11.52
C TYR A 377 -27.10 15.83 10.61
N ILE A 378 -27.35 17.03 11.11
CA ILE A 378 -27.11 18.25 10.36
C ILE A 378 -26.09 19.08 11.13
N TYR A 379 -25.10 19.61 10.42
CA TYR A 379 -24.07 20.45 11.02
C TYR A 379 -23.91 21.72 10.21
N ARG A 380 -24.01 22.87 10.87
CA ARG A 380 -23.77 24.13 10.18
C ARG A 380 -22.27 24.40 10.25
N GLU A 381 -21.56 24.10 9.15
CA GLU A 381 -20.12 24.31 9.17
C GLU A 381 -19.76 25.77 8.92
N GLY A 382 -20.67 26.53 8.31
CA GLY A 382 -20.44 27.92 8.04
C GLY A 382 -21.75 28.65 7.93
N THR B 4 16.53 -35.45 7.35
CA THR B 4 15.24 -35.83 7.89
C THR B 4 14.09 -35.36 7.01
N LEU B 5 14.33 -34.32 6.23
CA LEU B 5 13.30 -33.72 5.41
C LEU B 5 12.62 -34.76 4.51
N GLU B 6 11.29 -34.76 4.55
CA GLU B 6 10.46 -35.60 3.70
C GLU B 6 10.17 -34.88 2.40
N LEU B 7 10.12 -35.64 1.30
CA LEU B 7 9.84 -35.06 -0.02
C LEU B 7 8.62 -34.15 0.05
N SER B 8 7.65 -34.49 0.91
CA SER B 8 6.54 -33.64 1.31
C SER B 8 6.94 -32.19 1.60
N ASP B 9 7.89 -32.02 2.54
CA ASP B 9 8.31 -30.69 2.95
C ASP B 9 8.82 -29.89 1.75
N LEU B 10 9.60 -30.54 0.90
CA LEU B 10 10.15 -29.89 -0.28
C LEU B 10 9.06 -29.47 -1.24
N THR B 11 8.10 -30.35 -1.48
CA THR B 11 7.04 -30.01 -2.41
C THR B 11 6.24 -28.80 -1.93
N ILE B 12 5.90 -28.76 -0.65
CA ILE B 12 5.09 -27.62 -0.21
C ILE B 12 5.95 -26.35 -0.13
N ALA B 13 7.25 -26.44 0.19
CA ALA B 13 8.08 -25.24 0.13
C ALA B 13 8.10 -24.63 -1.28
N LEU B 14 8.23 -25.49 -2.29
CA LEU B 14 8.13 -25.02 -3.67
C LEU B 14 6.76 -24.42 -3.95
N GLU B 15 5.69 -25.06 -3.47
CA GLU B 15 4.34 -24.55 -3.73
C GLU B 15 4.16 -23.18 -3.11
N GLU B 16 4.60 -23.02 -1.87
CA GLU B 16 4.43 -21.74 -1.18
C GLU B 16 5.21 -20.64 -1.89
N PHE B 17 6.43 -20.94 -2.35
CA PHE B 17 7.16 -19.92 -3.10
C PHE B 17 6.47 -19.59 -4.41
N GLU B 18 6.10 -20.61 -5.19
CA GLU B 18 5.54 -20.33 -6.51
C GLU B 18 4.21 -19.59 -6.41
N ARG B 19 3.40 -19.92 -5.39
CA ARG B 19 2.03 -19.42 -5.30
C ARG B 19 1.94 -18.06 -4.62
N TYR B 20 2.71 -17.81 -3.54
CA TYR B 20 2.57 -16.57 -2.78
C TYR B 20 3.91 -15.89 -2.52
N GLY B 21 4.99 -16.38 -3.12
CA GLY B 21 6.29 -15.79 -2.86
C GLY B 21 6.83 -15.99 -1.46
N ILE B 22 6.26 -16.93 -0.68
CA ILE B 22 6.69 -17.12 0.71
C ILE B 22 7.98 -17.91 0.72
N THR B 23 8.94 -17.48 1.53
CA THR B 23 10.27 -18.07 1.50
C THR B 23 10.64 -18.86 2.74
N GLU B 24 9.81 -18.83 3.79
CA GLU B 24 10.18 -19.45 5.06
C GLU B 24 10.51 -20.93 4.87
N ARG B 25 9.60 -21.69 4.24
CA ARG B 25 9.81 -23.12 4.08
C ARG B 25 10.98 -23.41 3.17
N MET B 26 11.15 -22.60 2.11
CA MET B 26 12.33 -22.71 1.25
C MET B 26 13.61 -22.48 2.05
N ILE B 27 13.63 -21.47 2.92
CA ILE B 27 14.82 -21.17 3.71
C ILE B 27 15.15 -22.32 4.65
N ILE B 28 14.12 -22.90 5.27
CA ILE B 28 14.31 -24.05 6.15
C ILE B 28 14.90 -25.24 5.37
N VAL B 29 14.30 -25.54 4.22
CA VAL B 29 14.77 -26.65 3.42
C VAL B 29 16.22 -26.43 3.00
N LEU B 30 16.57 -25.20 2.60
CA LEU B 30 17.91 -24.92 2.09
C LEU B 30 18.96 -25.02 3.18
N LYS B 31 18.66 -24.49 4.38
CA LYS B 31 19.62 -24.62 5.46
C LYS B 31 19.83 -26.08 5.81
N ASN B 32 18.75 -26.88 5.75
CA ASN B 32 18.91 -28.31 5.98
C ASN B 32 19.77 -28.97 4.90
N ILE B 33 19.56 -28.62 3.62
CA ILE B 33 20.36 -29.23 2.56
C ILE B 33 21.84 -28.95 2.75
N GLN B 34 22.18 -27.70 2.99
CA GLN B 34 23.58 -27.41 3.18
C GLN B 34 24.15 -28.06 4.46
N LYS B 35 23.38 -28.15 5.55
CA LYS B 35 23.87 -28.95 6.68
C LYS B 35 24.10 -30.41 6.28
N ILE B 36 23.22 -30.98 5.44
CA ILE B 36 23.32 -32.40 5.06
C ILE B 36 24.54 -32.66 4.18
N VAL B 37 24.77 -31.83 3.16
CA VAL B 37 25.92 -32.02 2.28
C VAL B 37 27.23 -31.67 2.98
N ALA B 38 27.16 -31.01 4.14
CA ALA B 38 28.37 -30.73 4.92
C ALA B 38 29.10 -32.02 5.29
N LYS B 39 28.38 -33.13 5.46
CA LYS B 39 29.04 -34.42 5.64
C LYS B 39 29.95 -34.74 4.46
N ASN B 40 29.42 -34.62 3.23
CA ASN B 40 30.17 -35.01 2.04
C ASN B 40 31.00 -33.85 1.50
N CYS B 43 29.20 -31.64 -2.06
CA CYS B 43 30.15 -31.83 -3.14
C CYS B 43 31.43 -31.11 -2.80
N ASN B 44 31.64 -30.92 -1.49
CA ASN B 44 32.82 -30.30 -0.91
C ASN B 44 32.99 -28.82 -1.24
N LEU B 45 33.17 -28.46 -2.51
CA LEU B 45 33.65 -27.12 -2.83
C LEU B 45 32.63 -26.06 -2.41
N ASN B 46 33.13 -24.90 -1.95
CA ASN B 46 32.31 -23.80 -1.36
C ASN B 46 31.63 -22.83 -2.39
N GLU B 47 31.49 -23.22 -3.69
CA GLU B 47 30.52 -22.58 -4.55
C GLU B 47 29.11 -22.97 -4.11
N LEU B 48 29.03 -24.01 -3.25
CA LEU B 48 27.77 -24.41 -2.61
C LEU B 48 27.38 -23.41 -1.51
N LYS B 49 26.98 -22.20 -1.91
CA LYS B 49 26.65 -21.16 -0.94
C LYS B 49 25.14 -21.16 -0.69
N PHE B 50 24.66 -22.28 -0.16
CA PHE B 50 23.24 -22.38 0.15
C PHE B 50 22.82 -21.45 1.28
N SER B 51 23.68 -21.22 2.28
CA SER B 51 23.32 -20.25 3.32
C SER B 51 23.17 -18.85 2.74
N SER B 52 24.05 -18.47 1.81
CA SER B 52 23.88 -17.18 1.18
C SER B 52 22.65 -17.15 0.27
N LEU B 53 22.31 -18.27 -0.37
CA LEU B 53 21.09 -18.30 -1.16
C LEU B 53 19.85 -18.09 -0.29
N SER B 54 19.75 -18.82 0.83
CA SER B 54 18.62 -18.65 1.74
C SER B 54 18.57 -17.22 2.27
N ARG B 55 19.73 -16.65 2.61
CA ARG B 55 19.74 -15.28 3.08
C ARG B 55 19.20 -14.32 2.02
N GLU B 56 19.62 -14.53 0.77
CA GLU B 56 19.15 -13.69 -0.32
C GLU B 56 17.65 -13.85 -0.54
N LEU B 57 17.13 -15.06 -0.36
CA LEU B 57 15.69 -15.29 -0.50
C LEU B 57 14.90 -14.50 0.54
N LYS B 58 15.37 -14.54 1.80
CA LYS B 58 14.70 -13.76 2.83
C LYS B 58 14.71 -12.28 2.48
N LEU B 59 15.87 -11.78 2.02
CA LEU B 59 15.99 -10.37 1.68
C LEU B 59 15.09 -10.00 0.50
N PHE B 60 14.98 -10.89 -0.48
CA PHE B 60 14.13 -10.63 -1.65
C PHE B 60 12.66 -10.54 -1.25
N GLU B 61 12.19 -11.48 -0.43
CA GLU B 61 10.80 -11.38 0.02
C GLU B 61 10.59 -10.07 0.77
N GLU B 62 11.59 -9.64 1.54
CA GLU B 62 11.49 -8.37 2.25
C GLU B 62 11.36 -7.18 1.30
N LEU B 63 12.18 -7.16 0.23
CA LEU B 63 12.14 -6.08 -0.73
C LEU B 63 10.87 -6.07 -1.56
N LEU B 64 10.16 -7.20 -1.61
CA LEU B 64 8.83 -7.18 -2.20
C LEU B 64 7.79 -6.66 -1.22
N LYS B 65 7.81 -7.19 0.01
CA LYS B 65 6.76 -6.87 0.98
C LYS B 65 6.86 -5.42 1.45
N ILE B 66 8.06 -4.86 1.52
CA ILE B 66 8.26 -3.46 1.89
C ILE B 66 8.70 -2.71 0.63
N PRO B 67 7.90 -1.76 0.13
CA PRO B 67 8.23 -1.11 -1.15
C PRO B 67 9.65 -0.59 -1.22
N SER B 68 10.37 -1.04 -2.23
CA SER B 68 11.81 -0.84 -2.32
C SER B 68 12.14 -0.31 -3.72
N PRO B 69 13.27 0.37 -3.86
CA PRO B 69 13.64 0.90 -5.18
C PRO B 69 13.85 -0.20 -6.16
N PRO B 70 13.59 0.04 -7.46
CA PRO B 70 13.74 -1.01 -8.47
C PRO B 70 15.14 -1.60 -8.53
N GLU B 71 16.17 -0.78 -8.27
CA GLU B 71 17.55 -1.25 -8.36
C GLU B 71 17.80 -2.38 -7.37
N LYS B 72 17.26 -2.27 -6.16
CA LYS B 72 17.47 -3.28 -5.14
C LYS B 72 16.79 -4.60 -5.52
N ILE B 73 15.56 -4.54 -6.01
CA ILE B 73 14.82 -5.74 -6.41
C ILE B 73 15.53 -6.44 -7.58
N ALA B 74 15.94 -5.67 -8.59
CA ALA B 74 16.67 -6.24 -9.72
C ALA B 74 17.94 -6.92 -9.26
N ASN B 75 18.65 -6.27 -8.33
CA ASN B 75 19.88 -6.85 -7.80
C ASN B 75 19.61 -8.15 -7.06
N SER B 76 18.55 -8.19 -6.26
CA SER B 76 18.26 -9.40 -5.51
C SER B 76 17.96 -10.55 -6.45
N ILE B 77 17.17 -10.30 -7.50
CA ILE B 77 16.88 -11.35 -8.46
C ILE B 77 18.17 -11.82 -9.14
N TYR B 78 19.08 -10.89 -9.47
CA TYR B 78 20.34 -11.28 -10.07
C TYR B 78 21.12 -12.23 -9.14
N LYS B 79 21.30 -11.81 -7.89
CA LYS B 79 22.05 -12.62 -6.93
C LYS B 79 21.44 -14.01 -6.77
N ILE B 80 20.11 -14.09 -6.68
CA ILE B 80 19.45 -15.39 -6.53
C ILE B 80 19.74 -16.28 -7.73
N ASN B 81 19.56 -15.73 -8.95
CA ASN B 81 19.84 -16.51 -10.15
C ASN B 81 21.27 -17.03 -10.15
N ASP B 82 22.21 -16.16 -9.78
CA ASP B 82 23.62 -16.52 -9.79
C ASP B 82 23.94 -17.62 -8.79
N ILE B 83 23.52 -17.44 -7.54
CA ILE B 83 23.82 -18.43 -6.51
C ILE B 83 23.20 -19.76 -6.87
N LEU B 84 21.97 -19.76 -7.36
CA LEU B 84 21.38 -21.05 -7.79
C LEU B 84 22.33 -21.75 -8.76
N GLU B 85 22.56 -21.19 -9.94
CA GLU B 85 23.41 -21.83 -10.97
C GLU B 85 24.72 -22.30 -10.34
N SER B 86 25.50 -21.37 -9.82
CA SER B 86 26.77 -21.73 -9.15
C SER B 86 26.58 -22.99 -8.31
N SER B 87 25.73 -22.92 -7.28
CA SER B 87 25.53 -24.08 -6.38
C SER B 87 25.09 -25.29 -7.19
N ILE B 88 24.08 -25.14 -8.05
CA ILE B 88 23.56 -26.30 -8.80
C ILE B 88 24.72 -27.01 -9.50
N ARG B 89 25.48 -26.33 -10.36
CA ARG B 89 26.54 -27.04 -11.12
C ARG B 89 27.50 -27.70 -10.13
N GLU B 90 28.16 -26.91 -9.29
CA GLU B 90 29.16 -27.45 -8.33
C GLU B 90 28.59 -28.69 -7.65
N PHE B 91 27.34 -28.61 -7.19
CA PHE B 91 26.71 -29.77 -6.50
C PHE B 91 26.49 -30.88 -7.53
N LYS B 92 25.56 -30.66 -8.46
CA LYS B 92 25.22 -31.72 -9.44
C LYS B 92 26.52 -32.38 -9.90
N LEU B 93 27.50 -31.60 -10.32
CA LEU B 93 28.73 -32.21 -10.89
C LEU B 93 29.52 -32.89 -9.77
N CYS B 94 29.52 -34.22 -9.72
CA CYS B 94 30.37 -34.96 -8.75
C CYS B 94 30.41 -36.44 -9.12
N LYS B 105 20.63 -37.51 -6.15
CA LYS B 105 19.55 -37.67 -5.20
C LYS B 105 18.39 -36.73 -5.54
N PRO B 106 17.23 -36.90 -4.89
CA PRO B 106 16.09 -35.99 -5.14
C PRO B 106 16.40 -34.51 -4.83
N ILE B 107 17.46 -34.23 -4.08
CA ILE B 107 17.85 -32.85 -3.78
C ILE B 107 18.21 -32.10 -5.07
N GLN B 108 18.94 -32.76 -5.97
CA GLN B 108 19.22 -32.14 -7.27
C GLN B 108 17.91 -31.83 -8.00
N LYS B 109 16.95 -32.76 -7.94
CA LYS B 109 15.65 -32.54 -8.54
C LYS B 109 14.94 -31.32 -7.94
N PHE B 110 14.99 -31.19 -6.62
CA PHE B 110 14.37 -30.04 -5.94
C PHE B 110 15.01 -28.73 -6.37
N LEU B 111 16.36 -28.71 -6.41
CA LEU B 111 17.04 -27.51 -6.84
C LEU B 111 16.67 -27.17 -8.27
N VAL B 112 16.50 -28.18 -9.12
CA VAL B 112 16.11 -27.95 -10.51
C VAL B 112 14.69 -27.40 -10.62
N ASP B 113 13.75 -27.96 -9.87
CA ASP B 113 12.37 -27.45 -9.89
C ASP B 113 12.31 -26.02 -9.37
N PHE B 114 13.00 -25.75 -8.27
CA PHE B 114 13.11 -24.39 -7.76
C PHE B 114 13.74 -23.46 -8.80
N GLN B 115 14.68 -23.93 -9.57
CA GLN B 115 15.30 -23.00 -10.49
C GLN B 115 14.34 -22.62 -11.55
N LYS B 116 13.55 -23.58 -12.01
CA LYS B 116 12.63 -23.31 -13.08
C LYS B 116 11.67 -22.22 -12.70
N ILE B 117 11.16 -22.29 -11.49
CA ILE B 117 10.24 -21.28 -11.03
C ILE B 117 10.90 -19.95 -11.11
N VAL B 118 12.03 -19.82 -10.45
CA VAL B 118 12.76 -18.58 -10.45
C VAL B 118 12.90 -18.05 -11.84
N LEU B 119 13.28 -18.89 -12.78
CA LEU B 119 13.52 -18.44 -14.14
C LEU B 119 12.29 -18.12 -14.93
N GLU B 120 11.12 -18.39 -14.38
CA GLU B 120 9.92 -18.18 -15.14
C GLU B 120 9.02 -17.19 -14.46
N LYS B 121 9.35 -16.84 -13.23
CA LYS B 121 8.51 -15.94 -12.49
C LYS B 121 9.22 -14.66 -12.12
N LEU B 122 10.49 -14.74 -11.79
CA LEU B 122 11.25 -13.58 -11.38
C LEU B 122 11.86 -12.92 -12.59
N PRO B 123 11.55 -11.65 -12.81
CA PRO B 123 12.07 -10.91 -13.95
C PRO B 123 13.56 -10.73 -13.88
N LEU B 124 14.30 -10.88 -14.97
CA LEU B 124 15.75 -10.81 -14.89
C LEU B 124 16.24 -9.80 -15.90
N ASP B 125 16.76 -8.67 -15.43
CA ASP B 125 17.48 -7.74 -16.31
C ASP B 125 18.84 -7.46 -15.68
N LYS B 126 19.88 -8.05 -16.24
CA LYS B 126 21.20 -7.88 -15.64
C LYS B 126 21.79 -6.52 -15.94
N LYS B 127 21.22 -5.74 -16.86
CA LYS B 127 21.77 -4.44 -17.19
C LYS B 127 21.18 -3.28 -16.39
N ILE B 128 20.21 -3.53 -15.51
CA ILE B 128 19.51 -2.42 -14.83
C ILE B 128 20.47 -1.57 -14.02
N ASN B 129 21.33 -2.21 -13.24
CA ASN B 129 22.14 -1.48 -12.29
C ASN B 129 23.32 -0.80 -12.95
N LYS B 130 23.60 -1.08 -14.22
CA LYS B 130 24.52 -0.20 -14.93
C LYS B 130 23.99 1.21 -14.96
N TYR B 131 22.67 1.40 -14.83
CA TYR B 131 22.02 2.69 -14.97
C TYR B 131 21.12 2.96 -13.78
N SER B 132 21.66 2.76 -12.58
CA SER B 132 20.87 2.82 -11.35
C SER B 132 20.46 4.22 -10.94
N ASN B 133 21.01 5.27 -11.54
CA ASN B 133 20.75 6.62 -11.07
C ASN B 133 19.72 7.38 -11.91
N ILE B 134 19.30 6.85 -13.06
CA ILE B 134 18.46 7.59 -13.98
C ILE B 134 17.27 6.73 -14.38
N ALA B 135 16.21 7.39 -14.83
CA ALA B 135 15.03 6.69 -15.33
C ALA B 135 15.28 6.24 -16.75
N THR B 136 14.95 4.98 -17.05
CA THR B 136 15.15 4.42 -18.37
C THR B 136 13.97 3.54 -18.76
N LEU B 137 13.77 3.38 -20.07
CA LEU B 137 12.68 2.54 -20.56
C LEU B 137 12.87 1.09 -20.10
N GLU B 138 14.11 0.58 -20.12
CA GLU B 138 14.32 -0.80 -19.68
C GLU B 138 13.88 -0.97 -18.23
N LYS B 139 14.14 0.04 -17.39
CA LYS B 139 13.68 -0.02 -16.01
C LYS B 139 12.15 0.01 -15.92
N VAL B 140 11.50 0.83 -16.74
CA VAL B 140 10.03 0.84 -16.76
C VAL B 140 9.50 -0.54 -17.14
N GLU B 141 10.12 -1.16 -18.15
CA GLU B 141 9.71 -2.50 -18.57
C GLU B 141 9.87 -3.49 -17.43
N PHE B 142 11.04 -3.44 -16.77
CA PHE B 142 11.32 -4.33 -15.65
C PHE B 142 10.30 -4.16 -14.53
N MET B 143 9.98 -2.91 -14.17
CA MET B 143 9.03 -2.71 -13.08
C MET B 143 7.61 -3.06 -13.49
N LYS B 144 7.28 -2.95 -14.78
CA LYS B 144 6.00 -3.49 -15.24
C LYS B 144 5.91 -4.99 -15.02
N ASN B 145 6.98 -5.70 -15.36
CA ASN B 145 6.97 -7.15 -15.14
C ASN B 145 6.97 -7.50 -13.65
N ILE B 146 7.66 -6.70 -12.84
CA ILE B 146 7.60 -6.91 -11.40
C ILE B 146 6.20 -6.68 -10.87
N ILE B 147 5.50 -5.65 -11.37
CA ILE B 147 4.13 -5.42 -10.92
C ILE B 147 3.25 -6.62 -11.29
N LYS B 148 3.44 -7.19 -12.50
CA LYS B 148 2.72 -8.42 -12.85
C LYS B 148 3.00 -9.53 -11.85
N LEU B 149 4.28 -9.69 -11.48
CA LEU B 149 4.64 -10.68 -10.48
C LEU B 149 3.92 -10.42 -9.16
N LEU B 150 3.92 -9.17 -8.71
CA LEU B 150 3.25 -8.81 -7.47
C LEU B 150 1.78 -9.18 -7.50
N ILE B 151 1.11 -8.93 -8.63
CA ILE B 151 -0.29 -9.28 -8.77
C ILE B 151 -0.47 -10.79 -8.68
N ASN B 152 0.40 -11.54 -9.37
CA ASN B 152 0.34 -13.00 -9.29
C ASN B 152 0.43 -13.50 -7.85
N TRP B 153 1.27 -12.87 -7.04
CA TRP B 153 1.43 -13.24 -5.64
C TRP B 153 0.44 -12.51 -4.74
N LYS B 154 -0.62 -11.94 -5.32
CA LYS B 154 -1.68 -11.27 -4.57
C LYS B 154 -1.15 -10.13 -3.69
N MET B 155 -0.06 -9.49 -4.11
CA MET B 155 0.48 -8.34 -3.37
C MET B 155 -0.04 -7.04 -4.01
N TYR B 156 -1.36 -6.81 -3.84
CA TYR B 156 -2.08 -5.78 -4.60
C TYR B 156 -1.69 -4.38 -4.15
N SER B 157 -1.67 -4.17 -2.84
CA SER B 157 -1.36 -2.85 -2.32
C SER B 157 0.05 -2.45 -2.74
N GLU B 158 0.98 -3.41 -2.72
CA GLU B 158 2.33 -3.16 -3.21
C GLU B 158 2.32 -2.85 -4.70
N ALA B 159 1.53 -3.57 -5.48
CA ALA B 159 1.46 -3.29 -6.92
C ALA B 159 1.01 -1.86 -7.18
N VAL B 160 0.06 -1.35 -6.39
CA VAL B 160 -0.43 -0.01 -6.66
C VAL B 160 0.64 1.03 -6.30
N ILE B 161 1.31 0.83 -5.16
CA ILE B 161 2.38 1.77 -4.78
C ILE B 161 3.44 1.83 -5.89
N HIS B 162 3.86 0.66 -6.39
CA HIS B 162 4.83 0.65 -7.47
C HIS B 162 4.27 1.22 -8.78
N LEU B 163 2.97 1.04 -9.05
CA LEU B 163 2.38 1.58 -10.28
C LEU B 163 2.53 3.10 -10.33
N ARG B 164 2.26 3.77 -9.20
CA ARG B 164 2.38 5.22 -9.20
C ARG B 164 3.78 5.67 -9.59
N GLU B 165 4.81 5.04 -8.99
CA GLU B 165 6.17 5.46 -9.27
C GLU B 165 6.56 5.14 -10.70
N LEU B 166 6.03 4.03 -11.23
CA LEU B 166 6.30 3.70 -12.63
C LEU B 166 5.74 4.78 -13.56
N LEU B 167 4.52 5.25 -13.28
CA LEU B 167 3.95 6.33 -14.08
C LEU B 167 4.79 7.61 -13.97
N ILE B 168 5.23 7.94 -12.77
CA ILE B 168 6.10 9.11 -12.66
C ILE B 168 7.35 8.94 -13.51
N ASP B 169 7.96 7.75 -13.49
CA ASP B 169 9.16 7.53 -14.31
C ASP B 169 8.87 7.77 -15.79
N ILE B 170 7.71 7.30 -16.26
CA ILE B 170 7.38 7.51 -17.68
C ILE B 170 7.29 8.99 -17.98
N LYS B 171 6.64 9.75 -17.10
CA LYS B 171 6.58 11.20 -17.29
C LYS B 171 7.98 11.81 -17.34
N LEU B 172 8.84 11.41 -16.41
CA LEU B 172 10.19 11.96 -16.36
C LEU B 172 10.93 11.68 -17.67
N ILE B 173 10.88 10.43 -18.14
CA ILE B 173 11.59 10.07 -19.37
C ILE B 173 11.08 10.89 -20.54
N GLU B 174 9.76 10.98 -20.70
CA GLU B 174 9.23 11.67 -21.87
C GLU B 174 9.55 13.16 -21.85
N ASN B 175 9.64 13.80 -20.69
CA ASN B 175 9.98 15.22 -20.64
C ASN B 175 11.47 15.50 -20.64
N GLY B 176 12.30 14.54 -21.03
CA GLY B 176 13.74 14.75 -20.95
C GLY B 176 14.24 15.05 -19.56
N LYS B 177 13.61 14.47 -18.54
CA LYS B 177 13.97 14.71 -17.17
C LYS B 177 14.40 13.43 -16.48
N TYR B 178 15.08 12.55 -17.22
CA TYR B 178 15.50 11.27 -16.64
C TYR B 178 16.44 11.45 -15.46
N PHE B 179 17.16 12.59 -15.37
CA PHE B 179 18.14 12.81 -14.30
C PHE B 179 17.48 13.27 -13.02
N TYR B 180 16.17 13.51 -13.04
CA TYR B 180 15.46 13.85 -11.82
C TYR B 180 14.88 12.62 -11.14
N TYR B 181 15.20 11.44 -11.67
CA TYR B 181 14.75 10.13 -11.20
C TYR B 181 14.75 9.99 -9.68
N ASN B 182 15.73 10.58 -9.00
CA ASN B 182 15.92 10.36 -7.58
C ASN B 182 15.64 11.59 -6.75
N ASN B 183 14.97 12.57 -7.33
CA ASN B 183 14.66 13.81 -6.65
C ASN B 183 13.21 13.74 -6.18
N LYS B 184 13.01 13.64 -4.87
CA LYS B 184 11.67 13.46 -4.33
C LYS B 184 10.78 14.65 -4.69
N ASP B 185 11.30 15.88 -4.55
CA ASP B 185 10.48 17.05 -4.85
C ASP B 185 10.01 17.00 -6.30
N PHE B 186 10.91 16.66 -7.22
CA PHE B 186 10.55 16.73 -8.63
C PHE B 186 9.57 15.63 -8.99
N ARG B 187 9.77 14.42 -8.45
CA ARG B 187 8.85 13.33 -8.68
C ARG B 187 7.45 13.69 -8.21
N GLU B 188 7.35 14.30 -7.02
CA GLU B 188 6.05 14.67 -6.51
C GLU B 188 5.41 15.77 -7.36
N LYS B 189 6.21 16.76 -7.77
CA LYS B 189 5.68 17.80 -8.64
C LYS B 189 5.14 17.19 -9.93
N TYR B 190 5.85 16.20 -10.48
CA TYR B 190 5.41 15.62 -11.75
C TYR B 190 4.16 14.77 -11.60
N TRP B 191 3.95 14.13 -10.44
CA TRP B 191 2.70 13.41 -10.23
C TRP B 191 1.52 14.37 -10.03
N MET B 192 1.72 15.45 -9.27
CA MET B 192 0.62 16.39 -8.97
C MET B 192 0.14 17.13 -10.21
N TYR B 193 1.03 17.44 -11.14
CA TYR B 193 0.74 18.43 -12.15
C TYR B 193 0.69 17.80 -13.53
N SER B 194 -0.11 18.42 -14.38
CA SER B 194 -0.47 17.89 -15.68
C SER B 194 0.51 18.40 -16.74
N TYR B 195 0.16 18.21 -18.00
CA TYR B 195 0.99 18.59 -19.12
C TYR B 195 0.66 19.98 -19.63
N ASN B 196 1.59 20.54 -20.39
CA ASN B 196 1.31 21.76 -21.14
C ASN B 196 0.40 21.36 -22.29
N ILE B 197 -0.85 21.86 -22.25
CA ILE B 197 -1.91 21.36 -23.11
C ILE B 197 -1.53 21.49 -24.58
N VAL B 198 -0.80 22.54 -24.94
CA VAL B 198 -0.29 22.70 -26.30
C VAL B 198 0.77 21.64 -26.64
N ASP B 202 -1.45 18.61 -27.86
CA ASP B 202 -1.39 18.52 -29.31
C ASP B 202 -0.76 17.22 -29.85
N LYS B 203 0.35 16.77 -29.24
CA LYS B 203 1.02 15.55 -29.69
C LYS B 203 0.38 14.31 -29.06
N GLU B 204 0.45 13.18 -29.79
CA GLU B 204 -0.29 11.97 -29.39
C GLU B 204 0.29 11.31 -28.13
N LEU B 205 1.60 11.10 -28.10
CA LEU B 205 2.19 10.38 -26.98
C LEU B 205 1.94 11.06 -25.64
N PRO B 206 2.18 12.37 -25.49
CA PRO B 206 1.88 12.99 -24.19
C PRO B 206 0.43 12.88 -23.81
N LYS B 207 -0.50 12.86 -24.79
CA LYS B 207 -1.91 12.65 -24.44
C LYS B 207 -2.14 11.22 -23.97
N LYS B 208 -1.48 10.23 -24.56
CA LYS B 208 -1.59 8.86 -24.06
C LYS B 208 -1.14 8.80 -22.60
N ILE B 209 0.00 9.42 -22.31
CA ILE B 209 0.53 9.45 -20.95
C ILE B 209 -0.43 10.18 -20.01
N GLU B 210 -0.97 11.30 -20.44
CA GLU B 210 -1.94 12.03 -19.61
C GLU B 210 -3.18 11.19 -19.34
N GLU B 211 -3.65 10.44 -20.35
CA GLU B 211 -4.83 9.62 -20.17
C GLU B 211 -4.54 8.50 -19.18
N LEU B 212 -3.37 7.89 -19.27
CA LEU B 212 -2.99 6.86 -18.31
C LEU B 212 -2.96 7.43 -16.90
N LEU B 213 -2.35 8.60 -16.71
CA LEU B 213 -2.26 9.17 -15.37
C LEU B 213 -3.62 9.56 -14.83
N LYS B 214 -4.48 10.12 -15.68
CA LYS B 214 -5.83 10.48 -15.25
C LYS B 214 -6.61 9.24 -14.85
N ASN B 215 -6.51 8.18 -15.66
CA ASN B 215 -7.17 6.92 -15.37
C ASN B 215 -6.72 6.34 -14.03
N VAL B 216 -5.40 6.28 -13.79
CA VAL B 216 -4.92 5.67 -12.55
C VAL B 216 -5.30 6.54 -11.36
N LYS B 217 -5.13 7.87 -11.48
CA LYS B 217 -5.56 8.75 -10.41
C LYS B 217 -7.05 8.57 -10.13
N GLY B 218 -7.81 8.15 -11.13
CA GLY B 218 -9.23 7.94 -10.91
C GLY B 218 -9.54 6.94 -9.82
N TRP B 219 -8.75 5.88 -9.71
CA TRP B 219 -9.05 4.84 -8.74
C TRP B 219 -7.98 4.61 -7.69
N ARG B 220 -6.80 5.21 -7.84
CA ARG B 220 -5.66 4.82 -7.01
C ARG B 220 -5.98 4.98 -5.53
N ASN B 221 -6.64 6.08 -5.16
CA ASN B 221 -6.88 6.29 -3.74
C ASN B 221 -7.89 5.33 -3.15
N SER B 222 -8.64 4.59 -3.97
CA SER B 222 -9.47 3.53 -3.42
C SER B 222 -8.64 2.53 -2.66
N VAL B 223 -7.41 2.31 -3.11
CA VAL B 223 -6.50 1.43 -2.42
C VAL B 223 -5.59 2.21 -1.48
N ALA B 224 -5.06 3.32 -2.00
CA ALA B 224 -4.07 4.09 -1.26
C ALA B 224 -4.63 4.66 0.02
N HIS B 225 -5.96 4.86 0.12
CA HIS B 225 -6.59 5.43 1.31
C HIS B 225 -7.51 4.44 2.02
N GLY B 226 -7.27 3.14 1.85
CA GLY B 226 -7.96 2.13 2.61
C GLY B 226 -9.43 2.03 2.35
N GLY B 227 -9.92 2.53 1.22
CA GLY B 227 -11.33 2.44 0.91
C GLY B 227 -12.22 3.19 1.87
N ARG B 228 -11.72 4.27 2.46
CA ARG B 228 -12.54 5.06 3.37
C ARG B 228 -13.43 6.02 2.57
N ALA B 229 -14.38 6.64 3.27
CA ALA B 229 -15.35 7.56 2.67
C ALA B 229 -16.07 6.91 1.48
N ASN B 230 -16.46 5.64 1.66
CA ASN B 230 -17.23 4.90 0.67
C ASN B 230 -16.58 4.94 -0.69
N THR B 231 -15.30 4.52 -0.74
CA THR B 231 -14.55 4.43 -1.98
C THR B 231 -13.84 3.09 -2.14
N SER B 232 -14.23 2.07 -1.40
CA SER B 232 -13.60 0.76 -1.48
C SER B 232 -13.73 0.17 -2.89
N ILE B 233 -12.80 -0.73 -3.21
CA ILE B 233 -12.72 -1.41 -4.50
C ILE B 233 -12.44 -2.89 -4.25
N ASN B 234 -13.03 -3.76 -5.04
CA ASN B 234 -12.86 -5.19 -4.78
C ASN B 234 -11.78 -5.77 -5.70
N GLN B 235 -11.52 -7.05 -5.51
CA GLN B 235 -10.37 -7.66 -6.16
C GLN B 235 -10.52 -7.69 -7.68
N LYS B 236 -11.68 -8.10 -8.17
CA LYS B 236 -11.88 -8.20 -9.62
C LYS B 236 -11.74 -6.83 -10.27
N THR B 237 -12.33 -5.80 -9.65
CA THR B 237 -12.24 -4.45 -10.20
C THR B 237 -10.79 -3.98 -10.23
N LEU B 238 -10.07 -4.17 -9.11
CA LEU B 238 -8.69 -3.71 -9.04
C LEU B 238 -7.83 -4.40 -10.07
N GLU B 239 -8.02 -5.71 -10.23
CA GLU B 239 -7.24 -6.45 -11.20
C GLU B 239 -7.50 -5.93 -12.61
N GLU B 240 -8.77 -5.66 -12.94
CA GLU B 240 -9.05 -5.10 -14.26
C GLU B 240 -8.36 -3.77 -14.45
N ASN B 241 -8.40 -2.91 -13.42
CA ASN B 241 -7.76 -1.61 -13.50
C ASN B 241 -6.26 -1.75 -13.71
N LEU B 242 -5.64 -2.66 -12.97
CA LEU B 242 -4.21 -2.89 -13.13
C LEU B 242 -3.86 -3.45 -14.51
N GLU B 243 -4.67 -4.39 -15.02
CA GLU B 243 -4.41 -4.93 -16.35
C GLU B 243 -4.49 -3.85 -17.41
N ASN B 244 -5.50 -2.98 -17.31
CA ASN B 244 -5.60 -1.89 -18.27
C ASN B 244 -4.44 -0.92 -18.14
N ALA B 245 -4.01 -0.60 -16.92
CA ALA B 245 -2.85 0.27 -16.76
C ALA B 245 -1.61 -0.34 -17.39
N LEU B 246 -1.41 -1.64 -17.20
CA LEU B 246 -0.25 -2.29 -17.77
C LEU B 246 -0.33 -2.31 -19.30
N SER B 247 -1.54 -2.50 -19.85
CA SER B 247 -1.69 -2.47 -21.29
C SER B 247 -1.34 -1.10 -21.84
N MET B 248 -1.85 -0.05 -21.20
CA MET B 248 -1.50 1.30 -21.63
C MET B 248 0.01 1.52 -21.52
N ILE B 249 0.64 0.98 -20.46
CA ILE B 249 2.09 1.13 -20.33
C ILE B 249 2.81 0.46 -21.49
N ASP B 250 2.33 -0.71 -21.91
CA ASP B 250 2.95 -1.41 -23.03
C ASP B 250 2.86 -0.59 -24.30
N GLU B 251 1.66 -0.04 -24.56
CA GLU B 251 1.50 0.81 -25.74
C GLU B 251 2.45 2.00 -25.69
N ILE B 252 2.57 2.63 -24.53
CA ILE B 252 3.43 3.80 -24.42
C ILE B 252 4.88 3.41 -24.63
N LEU B 253 5.32 2.29 -24.06
CA LEU B 253 6.71 1.85 -24.23
C LEU B 253 7.01 1.57 -25.69
N LEU B 254 6.06 0.96 -26.41
CA LEU B 254 6.24 0.75 -27.84
C LEU B 254 6.42 2.06 -28.56
N SER B 255 5.60 3.06 -28.22
CA SER B 255 5.75 4.37 -28.85
C SER B 255 7.13 4.97 -28.58
N MET B 256 7.67 4.75 -27.38
CA MET B 256 8.89 5.45 -26.94
C MET B 256 10.18 4.75 -27.32
N LYS B 257 10.14 3.52 -27.85
CA LYS B 257 11.36 2.73 -28.04
C LYS B 257 12.38 3.45 -28.93
N ASP B 258 11.96 3.94 -30.09
CA ASP B 258 12.87 4.65 -30.98
C ASP B 258 12.81 6.15 -30.76
N LEU B 259 11.75 6.62 -30.09
CA LEU B 259 11.51 8.03 -29.88
C LEU B 259 12.76 8.74 -29.42
N LYS B 260 12.90 9.99 -29.84
CA LYS B 260 14.04 10.82 -29.51
C LYS B 260 13.55 12.03 -28.74
N VAL B 261 14.06 12.19 -27.54
CA VAL B 261 13.76 13.35 -26.71
C VAL B 261 14.82 14.39 -27.00
N ASN B 262 14.39 15.60 -27.39
CA ASN B 262 15.36 16.58 -27.84
C ASN B 262 16.20 17.09 -26.68
N SER B 263 17.34 17.66 -27.03
CA SER B 263 18.28 18.13 -26.03
C SER B 263 18.62 19.59 -26.28
N LYS B 264 18.71 20.33 -25.19
CA LYS B 264 19.37 21.61 -25.19
C LYS B 264 20.87 21.29 -25.05
N LYS B 265 21.72 22.29 -24.80
CA LYS B 265 23.16 22.07 -24.83
C LYS B 265 23.66 21.22 -23.66
N ILE B 266 24.65 20.37 -23.92
CA ILE B 266 25.33 19.62 -22.85
C ILE B 266 26.81 19.94 -22.91
N TYR B 267 27.31 20.65 -21.91
CA TYR B 267 28.74 20.86 -21.81
C TYR B 267 29.40 19.56 -21.38
N LEU B 268 30.69 19.45 -21.68
CA LEU B 268 31.52 18.42 -21.08
C LEU B 268 32.59 19.14 -20.27
N LEU B 269 32.64 18.87 -18.97
CA LEU B 269 33.54 19.57 -18.06
C LEU B 269 34.44 18.58 -17.34
N ASN B 270 35.55 19.09 -16.78
CA ASN B 270 36.43 18.26 -15.96
C ASN B 270 36.38 18.62 -14.48
N SER B 271 35.40 19.42 -14.05
CA SER B 271 35.12 19.64 -12.63
C SER B 271 33.65 20.01 -12.46
N THR B 272 33.17 19.92 -11.22
CA THR B 272 31.78 20.20 -10.91
C THR B 272 31.64 21.68 -10.58
N ILE B 273 31.33 22.48 -11.61
CA ILE B 273 31.24 23.94 -11.48
C ILE B 273 29.81 24.41 -11.79
N MET B 274 29.49 25.61 -11.31
CA MET B 274 28.15 26.20 -11.49
C MET B 274 28.24 27.68 -11.89
N PRO B 275 29.01 28.03 -12.94
CA PRO B 275 29.05 29.44 -13.35
C PRO B 275 27.74 29.92 -13.97
N ILE B 276 27.35 31.14 -13.64
CA ILE B 276 26.22 31.77 -14.31
C ILE B 276 26.75 32.99 -15.05
N PRO B 277 26.02 33.48 -16.07
CA PRO B 277 26.51 34.66 -16.80
C PRO B 277 26.67 35.83 -15.84
N LYS B 278 27.66 36.69 -16.14
CA LYS B 278 27.96 37.78 -15.22
C LYS B 278 26.79 38.75 -15.06
N ASP B 279 25.91 38.88 -16.06
CA ASP B 279 24.76 39.76 -15.86
C ASP B 279 23.65 39.13 -15.01
N ASN B 280 23.68 37.83 -14.73
CA ASN B 280 22.60 37.17 -13.98
C ASN B 280 22.77 37.46 -12.51
N GLN B 281 21.65 37.65 -11.82
CA GLN B 281 21.68 37.89 -10.39
C GLN B 281 21.66 36.60 -9.53
N GLU B 282 21.23 35.47 -10.09
CA GLU B 282 20.79 34.34 -9.27
C GLU B 282 20.87 33.04 -10.06
N GLY B 283 21.08 31.92 -9.37
CA GLY B 283 21.06 30.63 -10.05
C GLY B 283 20.62 29.52 -9.13
N LYS B 284 19.92 28.52 -9.69
CA LYS B 284 19.53 27.30 -8.99
C LYS B 284 20.07 26.10 -9.75
N PHE B 285 20.88 25.25 -9.10
CA PHE B 285 21.51 24.15 -9.82
C PHE B 285 21.22 22.79 -9.19
N TYR B 286 21.20 21.76 -10.03
CA TYR B 286 21.06 20.37 -9.63
C TYR B 286 22.26 19.56 -10.10
N ILE B 287 22.76 18.66 -9.24
CA ILE B 287 23.88 17.79 -9.58
C ILE B 287 23.55 16.35 -9.21
N LEU B 288 23.82 15.42 -10.12
CA LEU B 288 23.52 14.00 -9.94
C LEU B 288 24.77 13.19 -10.18
N LYS B 289 25.13 12.31 -9.24
CA LYS B 289 26.25 11.40 -9.43
C LYS B 289 25.86 10.25 -10.36
N LEU B 290 26.75 9.92 -11.29
CA LEU B 290 26.49 8.97 -12.35
C LEU B 290 27.43 7.77 -12.27
N THR B 291 27.01 6.66 -12.87
CA THR B 291 27.88 5.53 -13.12
C THR B 291 28.63 5.74 -14.45
N LYS B 292 29.73 5.00 -14.65
CA LYS B 292 30.46 5.18 -15.91
C LYS B 292 29.58 4.85 -17.10
N ASN B 293 28.66 3.89 -16.95
CA ASN B 293 27.80 3.56 -18.08
C ASN B 293 26.80 4.67 -18.36
N GLU B 294 26.28 5.30 -17.31
CA GLU B 294 25.39 6.42 -17.51
C GLU B 294 26.12 7.55 -18.22
N PHE B 295 27.34 7.84 -17.77
CA PHE B 295 28.18 8.84 -18.45
C PHE B 295 28.37 8.49 -19.92
N LYS B 296 28.68 7.23 -20.20
CA LYS B 296 28.93 6.84 -21.59
C LYS B 296 27.70 7.08 -22.45
N VAL B 297 26.52 6.67 -21.96
CA VAL B 297 25.31 6.80 -22.76
C VAL B 297 24.94 8.28 -22.97
N ILE B 298 24.99 9.10 -21.91
CA ILE B 298 24.69 10.53 -22.04
C ILE B 298 25.61 11.16 -23.08
N LEU B 299 26.90 10.85 -22.98
CA LEU B 299 27.89 11.47 -23.86
C LEU B 299 27.71 11.01 -25.31
N GLU B 300 27.55 9.69 -25.52
CA GLU B 300 27.34 9.16 -26.85
C GLU B 300 26.15 9.84 -27.52
N ASN B 301 25.04 9.91 -26.78
CA ASN B 301 23.87 10.60 -27.29
C ASN B 301 24.15 12.06 -27.59
N ALA B 302 24.89 12.74 -26.70
CA ALA B 302 25.17 14.16 -26.89
C ALA B 302 25.95 14.36 -28.16
N ILE B 303 26.92 13.47 -28.43
CA ILE B 303 27.71 13.57 -29.64
C ILE B 303 26.82 13.35 -30.86
N LYS B 304 26.06 12.25 -30.85
CA LYS B 304 25.28 11.91 -32.04
C LYS B 304 24.16 12.92 -32.29
N ASP B 305 23.59 13.51 -31.22
CA ASP B 305 22.59 14.58 -31.40
C ASP B 305 23.22 15.96 -31.65
N ASP B 306 24.55 16.06 -31.65
CA ASP B 306 25.24 17.32 -31.88
C ASP B 306 24.82 18.42 -30.91
N VAL B 307 24.73 18.07 -29.62
CA VAL B 307 24.50 19.05 -28.57
C VAL B 307 25.67 19.14 -27.59
N LEU B 308 26.70 18.31 -27.77
CA LEU B 308 27.85 18.36 -26.88
C LEU B 308 28.58 19.65 -27.13
N ASP B 309 28.95 20.34 -26.06
CA ASP B 309 29.79 21.54 -26.07
C ASP B 309 30.98 21.26 -25.14
N SER B 310 32.08 20.78 -25.72
CA SER B 310 33.21 20.33 -24.91
C SER B 310 34.01 21.52 -24.44
N ALA B 311 34.41 21.47 -23.17
CA ALA B 311 35.30 22.43 -22.54
C ALA B 311 36.47 21.71 -21.87
N ILE B 312 36.80 20.52 -22.36
CA ILE B 312 37.93 19.73 -21.86
C ILE B 312 39.23 20.28 -22.47
N GLY B 313 40.16 20.71 -21.62
CA GLY B 313 41.39 21.35 -22.05
C GLY B 313 42.59 20.44 -22.18
N HIS B 314 42.61 19.35 -21.41
CA HIS B 314 43.78 18.48 -21.28
C HIS B 314 43.64 17.27 -22.19
N GLU B 315 44.66 17.03 -23.01
CA GLU B 315 44.58 15.94 -23.96
C GLU B 315 44.68 14.58 -23.30
N SER B 316 45.23 14.51 -22.07
CA SER B 316 45.16 13.25 -21.35
C SER B 316 43.71 12.84 -21.09
N VAL B 317 42.83 13.81 -20.84
CA VAL B 317 41.41 13.50 -20.63
C VAL B 317 40.73 13.06 -21.93
N ILE B 318 41.08 13.72 -23.04
CA ILE B 318 40.53 13.31 -24.32
C ILE B 318 40.91 11.87 -24.61
N GLU B 319 42.17 11.51 -24.30
CA GLU B 319 42.61 10.14 -24.55
C GLU B 319 42.00 9.17 -23.56
N PHE B 320 41.83 9.58 -22.30
CA PHE B 320 41.12 8.74 -21.34
C PHE B 320 39.72 8.40 -21.84
N ILE B 321 39.00 9.40 -22.34
CA ILE B 321 37.64 9.16 -22.82
C ILE B 321 37.65 8.23 -24.03
N LYS B 322 38.57 8.49 -24.99
CA LYS B 322 38.68 7.60 -26.13
C LYS B 322 38.99 6.17 -25.70
N ASP B 323 39.87 6.02 -24.71
CA ASP B 323 40.31 4.69 -24.32
C ASP B 323 39.24 3.94 -23.55
N LYS B 324 38.57 4.60 -22.61
CA LYS B 324 37.65 3.92 -21.71
C LYS B 324 36.24 3.81 -22.25
N PHE B 325 35.86 4.66 -23.20
CA PHE B 325 34.49 4.68 -23.72
C PHE B 325 34.40 4.54 -25.23
N GLU B 326 35.53 4.55 -25.94
CA GLU B 326 35.55 4.55 -27.40
C GLU B 326 34.72 5.70 -27.97
N LEU B 327 34.87 6.88 -27.37
CA LEU B 327 34.23 8.10 -27.87
C LEU B 327 35.28 9.18 -28.11
N THR B 328 35.02 10.00 -29.11
CA THR B 328 35.94 11.05 -29.51
C THR B 328 35.33 12.39 -29.16
N VAL B 329 36.06 13.21 -28.42
CA VAL B 329 35.57 14.47 -27.87
C VAL B 329 36.53 15.57 -28.30
N PRO B 330 36.05 16.70 -28.83
CA PRO B 330 36.96 17.75 -29.27
C PRO B 330 37.65 18.42 -28.08
N LEU B 331 38.89 18.85 -28.29
CA LEU B 331 39.65 19.55 -27.24
C LEU B 331 39.35 21.04 -27.32
N LYS B 332 39.05 21.66 -26.18
CA LYS B 332 38.67 23.06 -26.19
C LYS B 332 38.85 23.66 -24.81
N ARG B 333 39.82 24.56 -24.66
CA ARG B 333 40.05 25.32 -23.42
C ARG B 333 39.20 26.59 -23.48
N LYS B 334 38.20 26.68 -22.62
CA LYS B 334 37.34 27.85 -22.62
C LYS B 334 36.60 27.91 -21.30
N GLU B 335 36.26 29.14 -20.90
CA GLU B 335 35.29 29.34 -19.84
C GLU B 335 33.89 29.05 -20.38
N ILE B 336 33.02 28.55 -19.50
CA ILE B 336 31.62 28.42 -19.89
C ILE B 336 30.77 29.09 -18.83
N TYR B 337 29.53 29.38 -19.20
CA TYR B 337 28.53 29.92 -18.28
C TYR B 337 27.22 29.19 -18.56
N PHE B 338 26.58 28.69 -17.51
CA PHE B 338 25.29 28.00 -17.69
C PHE B 338 24.17 29.01 -17.93
N GLU B 339 23.41 28.80 -19.00
CA GLU B 339 22.09 29.42 -19.13
C GLU B 339 21.02 28.49 -18.56
N LYS B 340 19.87 29.08 -18.19
CA LYS B 340 18.76 28.27 -17.70
C LYS B 340 18.49 27.12 -18.67
N GLY B 341 18.41 25.92 -18.13
CA GLY B 341 18.11 24.78 -18.95
C GLY B 341 19.29 24.13 -19.63
N GLU B 342 20.51 24.65 -19.47
CA GLU B 342 21.65 23.95 -20.01
C GLU B 342 22.15 22.88 -19.02
N SER B 343 22.87 21.89 -19.55
CA SER B 343 23.39 20.76 -18.79
C SER B 343 24.88 20.62 -19.00
N ALA B 344 25.48 19.79 -18.17
CA ALA B 344 26.89 19.46 -18.32
C ALA B 344 27.11 18.02 -17.89
N LEU B 345 28.00 17.35 -18.60
CA LEU B 345 28.60 16.11 -18.12
C LEU B 345 29.93 16.48 -17.50
N VAL B 346 30.23 15.88 -16.36
CA VAL B 346 31.46 16.11 -15.63
C VAL B 346 32.20 14.78 -15.49
N ILE B 347 33.47 14.77 -15.89
CA ILE B 347 34.39 13.69 -15.62
C ILE B 347 35.48 14.25 -14.72
N LYS B 348 35.50 13.85 -13.46
CA LYS B 348 36.44 14.41 -12.48
C LYS B 348 37.49 13.33 -12.25
N LEU B 349 38.68 13.51 -12.82
CA LEU B 349 39.82 12.67 -12.54
C LEU B 349 40.59 13.27 -11.37
N GLU B 350 40.67 12.54 -10.26
CA GLU B 350 41.32 13.11 -9.10
C GLU B 350 42.83 13.04 -9.15
N LYS B 351 43.40 12.40 -10.18
CA LYS B 351 44.85 12.35 -10.38
C LYS B 351 45.16 12.66 -11.83
N ARG B 352 45.91 13.71 -12.07
CA ARG B 352 46.41 13.94 -13.41
C ARG B 352 47.61 13.02 -13.65
N PRO B 353 47.95 12.74 -14.92
CA PRO B 353 49.05 11.81 -15.20
C PRO B 353 50.39 12.52 -15.11
N GLU B 354 51.46 11.76 -15.36
CA GLU B 354 52.78 12.34 -15.54
C GLU B 354 52.72 13.50 -16.53
N GLU B 355 53.57 14.51 -16.29
CA GLU B 355 53.47 15.79 -17.01
C GLU B 355 53.57 15.59 -18.53
N GLY B 356 52.55 16.07 -19.25
CA GLY B 356 52.45 15.92 -20.69
C GLY B 356 52.45 14.47 -21.15
N LYS B 357 51.87 13.57 -20.35
CA LYS B 357 51.94 12.15 -20.64
C LYS B 357 50.53 11.55 -20.67
N ILE B 358 50.47 10.29 -21.02
CA ILE B 358 49.26 9.48 -21.10
C ILE B 358 49.01 8.76 -19.79
N TYR B 359 47.77 8.70 -19.34
CA TYR B 359 47.44 7.73 -18.32
C TYR B 359 47.86 6.33 -18.78
N THR B 360 48.76 5.70 -18.05
CA THR B 360 49.08 4.31 -18.30
C THR B 360 47.91 3.41 -17.91
N LYS B 361 47.93 2.18 -18.39
CA LYS B 361 46.86 1.24 -18.06
C LYS B 361 46.83 0.95 -16.56
N GLU B 362 48.00 0.83 -15.94
CA GLU B 362 48.07 0.62 -14.49
C GLU B 362 47.46 1.81 -13.76
N GLU B 363 47.73 3.02 -14.24
CA GLU B 363 47.13 4.19 -13.63
C GLU B 363 45.61 4.18 -13.74
N MET B 364 45.08 3.84 -14.91
CA MET B 364 43.63 3.84 -15.11
C MET B 364 42.98 2.78 -14.22
N ASP B 365 43.62 1.61 -14.14
CA ASP B 365 43.12 0.55 -13.27
C ASP B 365 43.11 0.99 -11.82
N PHE B 366 44.21 1.58 -11.36
CA PHE B 366 44.27 2.03 -9.97
C PHE B 366 43.19 3.06 -9.67
N MET B 367 42.97 3.99 -10.60
CA MET B 367 41.95 5.02 -10.40
C MET B 367 40.55 4.40 -10.33
N GLU B 368 40.23 3.48 -11.26
CA GLU B 368 38.92 2.83 -11.22
C GLU B 368 38.73 2.01 -9.94
N GLU B 369 39.68 1.11 -9.66
CA GLU B 369 39.71 0.34 -8.41
C GLU B 369 39.49 1.18 -7.17
N ASN B 370 39.99 2.38 -7.11
CA ASN B 370 39.93 3.11 -5.86
C ASN B 370 39.00 4.33 -5.97
N ASN B 371 38.04 4.24 -6.89
CA ASN B 371 37.04 5.29 -7.11
C ASN B 371 37.65 6.68 -7.16
N LEU B 372 38.57 6.88 -8.09
CA LEU B 372 39.18 8.19 -8.26
C LEU B 372 38.70 8.88 -9.52
N ILE B 373 37.74 8.27 -10.21
CA ILE B 373 37.05 8.89 -11.33
C ILE B 373 35.61 9.11 -10.90
N GLY B 374 35.16 10.35 -10.93
CA GLY B 374 33.79 10.70 -10.60
C GLY B 374 33.07 11.18 -11.85
N TYR B 375 31.82 10.76 -12.03
CA TYR B 375 31.02 11.18 -13.17
C TYR B 375 29.76 11.89 -12.67
N TYR B 376 29.43 13.04 -13.25
CA TYR B 376 28.27 13.79 -12.77
C TYR B 376 27.47 14.37 -13.93
N TYR B 377 26.19 14.64 -13.66
CA TYR B 377 25.30 15.42 -14.51
C TYR B 377 24.90 16.69 -13.75
N ILE B 378 25.04 17.84 -14.40
CA ILE B 378 24.66 19.12 -13.81
C ILE B 378 23.59 19.75 -14.67
N TYR B 379 22.56 20.30 -14.03
CA TYR B 379 21.46 20.96 -14.73
C TYR B 379 21.18 22.30 -14.08
N ARG B 380 21.12 23.37 -14.88
CA ARG B 380 20.76 24.67 -14.32
C ARG B 380 19.24 24.81 -14.37
N GLU B 381 18.57 24.63 -13.23
CA GLU B 381 17.11 24.78 -13.24
C GLU B 381 16.67 26.23 -13.20
N GLY B 382 17.48 27.16 -12.71
CA GLY B 382 17.01 28.56 -12.66
C GLY B 382 18.03 29.69 -12.70
#